data_6SDB
#
_entry.id   6SDB
#
_cell.length_a   149.200
_cell.length_b   149.200
_cell.length_c   149.910
_cell.angle_alpha   90.000
_cell.angle_beta   90.000
_cell.angle_gamma   120.000
#
_symmetry.space_group_name_H-M   'P 64'
#
loop_
_entity.id
_entity.type
_entity.pdbx_description
1 polymer Titin,Decorin,Titin
2 non-polymer 'ACETATE ION'
3 non-polymer 'SULFATE ION'
4 non-polymer 1,2-ETHANEDIOL
5 non-polymer 'PHOSPHATE ION'
6 water water
#
_entity_poly.entity_id   1
_entity_poly.type   'polypeptide(L)'
_entity_poly.pdbx_seq_one_letter_code
;GAMATQAPTFTQPLQSVVVLEGSTATFEAHISGFPVPEVSWFRDGQVKLERLPGVQISFSDGRAKLTIPAVTKANSGRYS
LKATNGSGQATSTAELLVKAETAPPNFVQRLQSMTVRQGSQVRLQVRVTGIPTPVVKFYRDGAEIQSSLDFQISQEGDLY
SLLIAEAYPEDSGTYSVNATNSVGRATSTAELLVQGE
;
_entity_poly.pdbx_strand_id   A,B,C,D,E
#
loop_
_chem_comp.id
_chem_comp.type
_chem_comp.name
_chem_comp.formula
ACT non-polymer 'ACETATE ION' 'C2 H3 O2 -1'
EDO non-polymer 1,2-ETHANEDIOL 'C2 H6 O2'
PO4 non-polymer 'PHOSPHATE ION' 'O4 P -3'
SO4 non-polymer 'SULFATE ION' 'O4 S -2'
#
# COMPACT_ATOMS: atom_id res chain seq x y z
N MET A 3 20.71 -17.82 9.68
CA MET A 3 22.11 -17.93 9.26
C MET A 3 22.25 -18.14 7.75
N ALA A 4 21.39 -19.00 7.19
CA ALA A 4 21.31 -19.22 5.75
C ALA A 4 20.20 -18.37 5.15
N THR A 5 20.45 -17.81 3.96
CA THR A 5 19.50 -16.85 3.39
C THR A 5 18.17 -17.52 3.04
N GLN A 6 17.08 -16.79 3.23
CA GLN A 6 15.77 -17.37 2.93
C GLN A 6 14.70 -16.27 2.78
N ALA A 7 13.91 -16.36 1.71
CA ALA A 7 12.88 -15.38 1.36
C ALA A 7 11.82 -15.24 2.45
N PRO A 8 11.16 -14.07 2.52
CA PRO A 8 10.20 -13.82 3.60
C PRO A 8 8.99 -14.70 3.46
N THR A 9 8.41 -15.04 4.60
CA THR A 9 7.17 -15.78 4.57
C THR A 9 6.38 -15.44 5.82
N PHE A 10 5.06 -15.57 5.71
CA PHE A 10 4.17 -15.28 6.82
C PHE A 10 3.89 -16.57 7.57
N THR A 11 4.41 -16.65 8.80
CA THR A 11 4.14 -17.76 9.70
C THR A 11 2.71 -17.72 10.24
N GLN A 12 2.20 -16.51 10.46
CA GLN A 12 0.81 -16.27 10.80
C GLN A 12 0.40 -15.14 9.86
N PRO A 13 -0.56 -15.37 8.98
CA PRO A 13 -0.99 -14.33 8.05
C PRO A 13 -2.12 -13.48 8.63
N LEU A 14 -2.39 -12.38 7.93
CA LEU A 14 -3.58 -11.59 8.21
C LEU A 14 -4.82 -12.38 7.82
N GLN A 15 -5.89 -12.22 8.59
CA GLN A 15 -7.18 -12.82 8.27
C GLN A 15 -8.23 -11.72 8.19
N SER A 16 -9.13 -11.83 7.21
CA SER A 16 -10.25 -10.91 7.13
C SER A 16 -11.11 -11.02 8.40
N VAL A 17 -11.69 -9.89 8.80
CA VAL A 17 -12.45 -9.80 10.04
C VAL A 17 -13.56 -8.78 9.87
N VAL A 18 -14.69 -9.01 10.56
CA VAL A 18 -15.75 -8.00 10.69
C VAL A 18 -15.66 -7.42 12.10
N VAL A 19 -15.70 -6.11 12.19
CA VAL A 19 -15.43 -5.40 13.42
C VAL A 19 -16.57 -4.43 13.69
N LEU A 20 -16.96 -4.29 14.96
CA LEU A 20 -18.05 -3.39 15.30
C LEU A 20 -17.61 -1.94 15.26
N GLU A 21 -18.49 -1.08 14.75
CA GLU A 21 -18.22 0.36 14.71
C GLU A 21 -17.82 0.86 16.09
N GLY A 22 -16.77 1.69 16.14
CA GLY A 22 -16.33 2.25 17.38
C GLY A 22 -15.27 1.47 18.12
N SER A 23 -15.15 0.17 17.86
CA SER A 23 -14.15 -0.64 18.53
C SER A 23 -12.78 -0.46 17.86
N THR A 24 -11.80 -1.20 18.36
CA THR A 24 -10.43 -1.15 17.87
C THR A 24 -10.17 -2.38 17.02
N ALA A 25 -9.87 -2.18 15.74
CA ALA A 25 -9.48 -3.26 14.86
C ALA A 25 -7.98 -3.51 14.98
N THR A 26 -7.59 -4.78 15.02
CA THR A 26 -6.18 -5.13 15.07
C THR A 26 -5.90 -6.24 14.08
N PHE A 27 -4.76 -6.12 13.40
CA PHE A 27 -4.20 -7.14 12.53
C PHE A 27 -2.80 -7.50 13.03
N GLU A 28 -2.47 -8.78 13.01
CA GLU A 28 -1.14 -9.22 13.42
C GLU A 28 -0.67 -10.35 12.51
N ALA A 29 0.62 -10.32 12.20
CA ALA A 29 1.25 -11.36 11.40
C ALA A 29 2.59 -11.70 12.02
N HIS A 30 3.04 -12.94 11.79
CA HIS A 30 4.38 -13.35 12.14
C HIS A 30 5.14 -13.59 10.83
N ILE A 31 6.30 -12.96 10.70
CA ILE A 31 7.11 -13.03 9.50
C ILE A 31 8.43 -13.67 9.86
N SER A 32 8.92 -14.52 8.97
CA SER A 32 10.26 -15.08 9.03
C SER A 32 10.97 -14.77 7.73
N GLY A 33 12.29 -14.86 7.77
CA GLY A 33 13.09 -14.62 6.58
C GLY A 33 14.46 -14.14 7.02
N PHE A 34 15.47 -14.42 6.20
CA PHE A 34 16.79 -13.92 6.48
C PHE A 34 17.43 -13.37 5.21
N PRO A 35 18.00 -12.16 5.26
CA PRO A 35 17.99 -11.24 6.41
C PRO A 35 16.56 -10.84 6.82
N VAL A 36 16.41 -10.26 8.00
CA VAL A 36 15.06 -9.95 8.51
C VAL A 36 14.32 -9.07 7.51
N PRO A 37 13.12 -9.45 7.09
CA PRO A 37 12.44 -8.69 6.03
C PRO A 37 12.00 -7.34 6.54
N GLU A 38 11.99 -6.37 5.63
CA GLU A 38 11.43 -5.05 5.89
C GLU A 38 9.94 -5.10 5.54
N VAL A 39 9.10 -4.53 6.40
CA VAL A 39 7.65 -4.65 6.29
C VAL A 39 7.03 -3.28 6.11
N SER A 40 5.97 -3.23 5.29
CA SER A 40 5.21 -2.02 4.97
C SER A 40 3.73 -2.37 4.91
N TRP A 41 2.88 -1.51 5.47
CA TRP A 41 1.45 -1.73 5.46
C TRP A 41 0.79 -0.85 4.39
N PHE A 42 -0.29 -1.38 3.81
CA PHE A 42 -1.02 -0.69 2.76
C PHE A 42 -2.51 -0.86 2.98
N ARG A 43 -3.27 0.18 2.66
CA ARG A 43 -4.72 0.02 2.53
C ARG A 43 -5.07 0.18 1.07
N ASP A 44 -5.99 -0.67 0.61
CA ASP A 44 -6.53 -0.64 -0.76
C ASP A 44 -5.43 -0.65 -1.82
N GLY A 45 -4.44 -1.49 -1.59
CA GLY A 45 -3.43 -1.69 -2.61
C GLY A 45 -2.27 -0.71 -2.59
N GLN A 46 -2.56 0.57 -2.81
CA GLN A 46 -1.50 1.51 -3.14
C GLN A 46 -1.26 2.56 -2.08
N VAL A 47 -2.09 2.62 -1.04
CA VAL A 47 -2.04 3.69 -0.04
C VAL A 47 -1.19 3.26 1.14
N LYS A 48 -0.05 3.92 1.32
CA LYS A 48 0.82 3.65 2.47
C LYS A 48 0.12 4.02 3.78
N LEU A 49 -0.02 3.04 4.67
CA LEU A 49 -0.86 3.18 5.87
C LEU A 49 -0.34 4.22 6.86
N GLU A 50 0.98 4.41 6.97
CA GLU A 50 1.55 5.39 7.87
C GLU A 50 1.28 6.85 7.42
N ARG A 51 0.63 7.05 6.26
CA ARG A 51 0.17 8.35 5.79
C ARG A 51 -1.27 8.65 6.19
N LEU A 52 -1.96 7.69 6.79
CA LEU A 52 -3.32 7.91 7.23
C LEU A 52 -3.34 8.12 8.73
N PRO A 53 -4.23 8.99 9.21
CA PRO A 53 -4.26 9.30 10.64
C PRO A 53 -4.97 8.20 11.42
N GLY A 54 -4.57 8.08 12.69
CA GLY A 54 -5.26 7.24 13.64
C GLY A 54 -4.90 5.76 13.59
N VAL A 55 -3.71 5.43 13.09
CA VAL A 55 -3.25 4.04 13.06
C VAL A 55 -2.01 3.90 13.95
N GLN A 56 -1.79 2.67 14.41
CA GLN A 56 -0.60 2.32 15.16
C GLN A 56 0.01 1.12 14.47
N ILE A 57 1.27 1.24 14.05
CA ILE A 57 2.00 0.18 13.39
C ILE A 57 3.23 -0.12 14.22
N SER A 58 3.44 -1.40 14.54
CA SER A 58 4.65 -1.81 15.22
C SER A 58 5.22 -3.06 14.57
N PHE A 59 6.53 -3.26 14.77
CA PHE A 59 7.26 -4.41 14.27
C PHE A 59 8.46 -4.67 15.16
N SER A 60 8.60 -5.91 15.64
CA SER A 60 9.78 -6.35 16.36
C SER A 60 9.78 -7.87 16.44
N ASP A 61 10.95 -8.46 16.19
CA ASP A 61 11.13 -9.91 16.29
C ASP A 61 10.12 -10.65 15.40
N GLY A 62 9.99 -10.18 14.16
CA GLY A 62 9.12 -10.83 13.21
C GLY A 62 7.63 -10.80 13.48
N ARG A 63 7.18 -10.03 14.45
CA ARG A 63 5.76 -9.86 14.74
C ARG A 63 5.38 -8.45 14.34
N ALA A 64 4.49 -8.34 13.36
CA ALA A 64 4.04 -7.07 12.85
C ALA A 64 2.59 -6.87 13.24
N LYS A 65 2.29 -5.72 13.84
CA LYS A 65 0.95 -5.45 14.35
C LYS A 65 0.46 -4.10 13.85
N LEU A 66 -0.76 -4.07 13.34
CA LEU A 66 -1.44 -2.83 13.00
C LEU A 66 -2.71 -2.74 13.83
N THR A 67 -2.92 -1.63 14.53
CA THR A 67 -4.17 -1.46 15.26
C THR A 67 -4.78 -0.12 14.86
N ILE A 68 -6.09 -0.12 14.62
CA ILE A 68 -6.86 1.07 14.26
C ILE A 68 -7.93 1.29 15.32
N PRO A 69 -7.70 2.17 16.27
CA PRO A 69 -8.72 2.44 17.29
C PRO A 69 -9.86 3.24 16.72
N ALA A 70 -10.97 3.21 17.46
CA ALA A 70 -12.13 4.07 17.18
C ALA A 70 -12.60 3.91 15.75
N VAL A 71 -12.67 2.64 15.34
CA VAL A 71 -12.91 2.32 13.93
C VAL A 71 -14.24 2.87 13.46
N THR A 72 -14.26 3.33 12.21
CA THR A 72 -15.48 3.73 11.55
C THR A 72 -15.55 3.11 10.16
N LYS A 73 -16.69 3.33 9.47
CA LYS A 73 -16.91 2.68 8.18
C LYS A 73 -15.89 3.10 7.14
N ALA A 74 -15.30 4.29 7.30
CA ALA A 74 -14.26 4.72 6.41
C ALA A 74 -13.00 3.86 6.52
N ASN A 75 -12.86 3.10 7.62
CA ASN A 75 -11.70 2.21 7.76
C ASN A 75 -11.87 0.88 7.05
N SER A 76 -13.08 0.55 6.59
CA SER A 76 -13.25 -0.67 5.81
C SER A 76 -12.40 -0.59 4.54
N GLY A 77 -11.85 -1.73 4.15
CA GLY A 77 -11.05 -1.80 2.94
C GLY A 77 -10.16 -3.01 3.00
N ARG A 78 -9.34 -3.18 1.96
CA ARG A 78 -8.41 -4.29 1.89
C ARG A 78 -7.07 -3.85 2.47
N TYR A 79 -6.55 -4.65 3.42
CA TYR A 79 -5.32 -4.33 4.13
C TYR A 79 -4.24 -5.33 3.77
N SER A 80 -3.04 -4.83 3.48
CA SER A 80 -1.95 -5.68 3.01
C SER A 80 -0.69 -5.40 3.82
N LEU A 81 0.06 -6.47 4.06
CA LEU A 81 1.35 -6.39 4.71
C LEU A 81 2.36 -6.99 3.74
N LYS A 82 3.40 -6.22 3.41
CA LYS A 82 4.44 -6.68 2.50
C LYS A 82 5.75 -6.82 3.27
N ALA A 83 6.34 -8.02 3.24
CA ALA A 83 7.63 -8.30 3.87
C ALA A 83 8.65 -8.59 2.78
N THR A 84 9.80 -7.92 2.83
CA THR A 84 10.73 -7.91 1.70
C THR A 84 12.18 -8.04 2.15
N ASN A 85 12.94 -8.91 1.49
CA ASN A 85 14.39 -8.89 1.58
C ASN A 85 14.95 -9.26 0.21
N GLY A 86 16.26 -9.49 0.14
CA GLY A 86 16.91 -9.71 -1.14
C GLY A 86 16.50 -10.99 -1.86
N SER A 87 15.90 -11.95 -1.15
CA SER A 87 15.59 -13.24 -1.73
C SER A 87 14.17 -13.33 -2.25
N GLY A 88 13.33 -12.35 -1.97
CA GLY A 88 11.93 -12.43 -2.38
C GLY A 88 11.10 -11.47 -1.56
N GLN A 89 9.80 -11.47 -1.85
CA GLN A 89 8.90 -10.59 -1.15
C GLN A 89 7.57 -11.29 -0.98
N ALA A 90 7.02 -11.19 0.23
CA ALA A 90 5.81 -11.88 0.59
C ALA A 90 4.76 -10.86 1.00
N THR A 91 3.50 -11.20 0.70
CA THR A 91 2.37 -10.31 0.96
C THR A 91 1.25 -11.11 1.59
N SER A 92 0.70 -10.56 2.67
CA SER A 92 -0.52 -11.07 3.27
C SER A 92 -1.59 -9.99 3.17
N THR A 93 -2.78 -10.37 2.74
CA THR A 93 -3.86 -9.42 2.52
C THR A 93 -5.12 -9.97 3.16
N ALA A 94 -5.88 -9.05 3.78
CA ALA A 94 -7.14 -9.36 4.41
C ALA A 94 -8.04 -8.15 4.26
N GLU A 95 -9.33 -8.40 4.38
CA GLU A 95 -10.28 -7.32 4.34
C GLU A 95 -10.75 -7.02 5.76
N LEU A 96 -10.96 -5.75 6.05
CA LEU A 96 -11.57 -5.28 7.28
C LEU A 96 -12.89 -4.65 6.89
N LEU A 97 -13.97 -5.16 7.44
CA LEU A 97 -15.30 -4.62 7.19
C LEU A 97 -15.89 -4.15 8.51
N VAL A 98 -16.24 -2.88 8.59
CA VAL A 98 -16.75 -2.26 9.81
C VAL A 98 -18.27 -2.20 9.69
N LYS A 99 -18.97 -2.91 10.56
CA LYS A 99 -20.42 -2.92 10.58
C LYS A 99 -20.96 -2.23 11.84
N ALA A 100 -22.19 -1.71 11.72
CA ALA A 100 -22.85 -1.09 12.85
C ALA A 100 -23.50 -2.14 13.75
N GLU A 101 -24.33 -3.01 13.15
CA GLU A 101 -24.82 -4.22 13.81
C GLU A 101 -25.62 -3.90 15.07
N THR A 102 -26.37 -2.81 15.05
CA THR A 102 -27.00 -2.41 16.29
C THR A 102 -28.16 -3.32 16.65
N ALA A 103 -28.32 -3.51 17.96
CA ALA A 103 -29.37 -4.27 18.57
C ALA A 103 -29.78 -3.47 19.79
N PRO A 104 -31.07 -3.35 20.06
CA PRO A 104 -31.50 -2.61 21.25
C PRO A 104 -31.29 -3.46 22.50
N PRO A 105 -31.34 -2.86 23.69
CA PRO A 105 -31.10 -3.63 24.92
C PRO A 105 -32.12 -4.74 25.10
N ASN A 106 -31.63 -5.91 25.50
CA ASN A 106 -32.47 -7.07 25.75
C ASN A 106 -32.08 -7.74 27.06
N PHE A 107 -33.06 -8.02 27.91
CA PHE A 107 -32.83 -8.78 29.14
C PHE A 107 -32.91 -10.26 28.82
N VAL A 108 -31.76 -10.88 28.61
CA VAL A 108 -31.79 -12.33 28.40
C VAL A 108 -32.00 -13.03 29.73
N GLN A 109 -31.57 -12.42 30.82
CA GLN A 109 -31.93 -12.82 32.18
C GLN A 109 -32.57 -11.62 32.85
N ARG A 110 -33.83 -11.79 33.25
CA ARG A 110 -34.61 -10.73 33.86
C ARG A 110 -34.39 -10.68 35.37
N LEU A 111 -34.59 -9.50 35.95
CA LEU A 111 -34.71 -9.38 37.40
C LEU A 111 -35.79 -10.32 37.91
N GLN A 112 -35.53 -10.91 39.06
CA GLN A 112 -36.24 -12.07 39.55
C GLN A 112 -36.73 -11.70 40.96
N SER A 113 -38.00 -11.91 41.27
CA SER A 113 -38.50 -11.45 42.58
C SER A 113 -38.10 -12.43 43.69
N MET A 114 -37.77 -11.90 44.87
CA MET A 114 -37.16 -12.73 45.89
C MET A 114 -37.69 -12.40 47.28
N THR A 115 -37.86 -13.44 48.09
CA THR A 115 -38.15 -13.29 49.50
C THR A 115 -37.08 -14.00 50.28
N VAL A 116 -36.38 -13.24 51.10
CA VAL A 116 -35.19 -13.68 51.82
C VAL A 116 -35.35 -13.28 53.27
N ARG A 117 -34.53 -13.88 54.13
CA ARG A 117 -34.53 -13.43 55.51
C ARG A 117 -33.46 -12.42 55.87
N GLN A 118 -33.76 -11.72 56.97
CA GLN A 118 -32.92 -10.65 57.47
C GLN A 118 -31.53 -11.21 57.77
N GLY A 119 -30.53 -10.49 57.31
CA GLY A 119 -29.15 -10.94 57.42
C GLY A 119 -28.67 -11.77 56.24
N SER A 120 -29.58 -12.29 55.43
CA SER A 120 -29.21 -12.97 54.21
C SER A 120 -28.46 -12.03 53.28
N GLN A 121 -27.52 -12.57 52.52
CA GLN A 121 -26.97 -11.86 51.38
C GLN A 121 -27.83 -12.14 50.16
N VAL A 122 -28.16 -11.10 49.40
CA VAL A 122 -29.02 -11.26 48.23
C VAL A 122 -28.34 -10.68 47.01
N ARG A 123 -28.37 -11.43 45.92
CA ARG A 123 -27.79 -11.03 44.66
C ARG A 123 -28.90 -10.84 43.66
N LEU A 124 -29.02 -9.63 43.12
CA LEU A 124 -29.99 -9.32 42.08
C LEU A 124 -29.25 -9.20 40.75
N GLN A 125 -29.47 -10.15 39.84
CA GLN A 125 -28.72 -10.24 38.60
C GLN A 125 -29.62 -10.06 37.39
N VAL A 126 -29.10 -9.42 36.36
CA VAL A 126 -29.68 -9.43 35.03
C VAL A 126 -28.58 -9.76 34.05
N ARG A 127 -28.95 -10.32 32.91
CA ARG A 127 -28.04 -10.45 31.79
C ARG A 127 -28.61 -9.66 30.63
N VAL A 128 -27.84 -8.72 30.11
CA VAL A 128 -28.33 -7.71 29.17
C VAL A 128 -27.44 -7.70 27.95
N THR A 129 -28.03 -7.86 26.77
CA THR A 129 -27.31 -7.75 25.52
C THR A 129 -27.72 -6.46 24.82
N GLY A 130 -26.89 -6.03 23.86
CA GLY A 130 -27.16 -4.84 23.10
C GLY A 130 -25.94 -4.27 22.40
N ILE A 131 -26.16 -3.70 21.22
CA ILE A 131 -25.11 -3.05 20.43
C ILE A 131 -25.64 -1.68 19.98
N PRO A 132 -25.03 -0.57 20.36
CA PRO A 132 -23.86 -0.40 21.21
C PRO A 132 -24.15 -0.94 22.59
N THR A 133 -23.13 -1.21 23.40
CA THR A 133 -23.32 -1.81 24.72
C THR A 133 -24.21 -0.92 25.57
N PRO A 134 -25.28 -1.47 26.15
CA PRO A 134 -26.21 -0.61 26.90
C PRO A 134 -25.61 -0.11 28.20
N VAL A 135 -26.17 1.00 28.66
CA VAL A 135 -25.92 1.49 30.01
C VAL A 135 -26.95 0.89 30.94
N VAL A 136 -26.47 0.25 32.01
CA VAL A 136 -27.30 -0.50 32.93
C VAL A 136 -27.28 0.19 34.28
N LYS A 137 -28.45 0.54 34.81
CA LYS A 137 -28.52 1.18 36.11
C LYS A 137 -29.57 0.50 36.98
N PHE A 138 -29.25 0.38 38.27
CA PHE A 138 -30.14 -0.26 39.23
C PHE A 138 -30.91 0.77 40.04
N TYR A 139 -32.15 0.45 40.33
CA TYR A 139 -33.01 1.34 41.11
C TYR A 139 -33.76 0.53 42.15
N ARG A 140 -34.06 1.17 43.28
CA ARG A 140 -35.01 0.66 44.25
C ARG A 140 -36.08 1.74 44.44
N ASP A 141 -37.33 1.37 44.22
CA ASP A 141 -38.45 2.30 44.35
C ASP A 141 -38.19 3.60 43.58
N GLY A 142 -37.62 3.46 42.38
CA GLY A 142 -37.46 4.60 41.50
C GLY A 142 -36.28 5.50 41.80
N ALA A 143 -35.51 5.19 42.83
CA ALA A 143 -34.30 5.93 43.18
C ALA A 143 -33.10 5.14 42.71
N GLU A 144 -32.19 5.80 42.01
CA GLU A 144 -31.01 5.10 41.55
C GLU A 144 -30.14 4.67 42.71
N ILE A 145 -29.64 3.44 42.66
CA ILE A 145 -28.79 2.89 43.71
C ILE A 145 -27.34 3.30 43.43
N GLN A 146 -26.75 4.05 44.36
CA GLN A 146 -25.32 4.32 44.30
C GLN A 146 -24.56 3.10 44.82
N SER A 147 -23.68 2.54 43.99
CA SER A 147 -22.90 1.38 44.38
C SER A 147 -21.95 1.69 45.53
N SER A 148 -22.06 0.88 46.59
CA SER A 148 -21.24 0.95 47.80
C SER A 148 -20.84 -0.47 48.19
N LEU A 149 -20.13 -0.60 49.32
CA LEU A 149 -19.73 -1.93 49.73
C LEU A 149 -20.94 -2.75 50.16
N ASP A 150 -21.97 -2.12 50.73
CA ASP A 150 -23.15 -2.85 51.17
C ASP A 150 -24.11 -3.10 50.03
N PHE A 151 -24.16 -2.19 49.07
CA PHE A 151 -24.94 -2.37 47.86
C PHE A 151 -23.95 -2.26 46.72
N GLN A 152 -23.53 -3.37 46.18
CA GLN A 152 -22.39 -3.36 45.27
C GLN A 152 -22.86 -3.78 43.89
N ILE A 153 -22.77 -2.84 42.98
CA ILE A 153 -23.10 -3.08 41.59
C ILE A 153 -21.81 -3.45 40.87
N SER A 154 -21.89 -4.49 40.06
CA SER A 154 -20.72 -5.00 39.36
C SER A 154 -21.17 -5.56 38.01
N GLN A 155 -20.21 -5.66 37.11
CA GLN A 155 -20.47 -6.18 35.79
C GLN A 155 -19.43 -7.23 35.52
N GLU A 156 -19.84 -8.37 34.98
CA GLU A 156 -18.93 -9.38 34.47
C GLU A 156 -19.53 -9.81 33.14
N GLY A 157 -18.88 -9.43 32.05
CA GLY A 157 -19.45 -9.65 30.72
C GLY A 157 -20.75 -8.90 30.58
N ASP A 158 -21.78 -9.58 30.08
CA ASP A 158 -23.11 -9.02 29.99
C ASP A 158 -23.95 -9.29 31.24
N LEU A 159 -23.32 -9.74 32.33
CA LEU A 159 -24.02 -10.04 33.57
C LEU A 159 -23.81 -8.88 34.55
N TYR A 160 -24.91 -8.29 35.00
CA TYR A 160 -24.90 -7.15 35.91
C TYR A 160 -25.57 -7.53 37.22
N SER A 161 -24.85 -7.33 38.34
CA SER A 161 -25.28 -7.82 39.64
C SER A 161 -25.32 -6.67 40.61
N LEU A 162 -26.40 -6.59 41.38
CA LEU A 162 -26.45 -5.83 42.62
C LEU A 162 -26.34 -6.83 43.77
N LEU A 163 -25.37 -6.64 44.64
CA LEU A 163 -25.17 -7.56 45.74
C LEU A 163 -25.42 -6.81 47.04
N ILE A 164 -26.51 -7.15 47.70
CA ILE A 164 -26.84 -6.59 49.01
C ILE A 164 -26.14 -7.42 50.08
N ALA A 165 -25.23 -6.78 50.82
CA ALA A 165 -24.33 -7.52 51.69
C ALA A 165 -25.09 -8.25 52.81
N GLU A 166 -25.95 -7.52 53.51
CA GLU A 166 -26.87 -8.16 54.44
C GLU A 166 -28.20 -7.42 54.38
N ALA A 167 -29.26 -8.15 54.08
CA ALA A 167 -30.57 -7.58 53.87
C ALA A 167 -31.30 -7.37 55.20
N TYR A 168 -31.92 -6.20 55.34
CA TYR A 168 -32.78 -5.80 56.42
C TYR A 168 -34.12 -5.39 55.82
N PRO A 169 -35.21 -5.39 56.62
CA PRO A 169 -36.53 -5.03 56.06
C PRO A 169 -36.54 -3.70 55.34
N GLU A 170 -35.80 -2.69 55.82
CA GLU A 170 -35.74 -1.40 55.17
C GLU A 170 -35.36 -1.50 53.69
N ASP A 171 -34.78 -2.62 53.29
CA ASP A 171 -34.35 -2.82 51.91
C ASP A 171 -35.46 -3.33 51.00
N SER A 172 -36.62 -3.68 51.55
CA SER A 172 -37.70 -4.19 50.72
C SER A 172 -38.18 -3.14 49.74
N GLY A 173 -38.64 -3.58 48.59
CA GLY A 173 -39.24 -2.66 47.66
C GLY A 173 -39.17 -3.22 46.25
N THR A 174 -39.55 -2.36 45.30
CA THR A 174 -39.56 -2.68 43.88
C THR A 174 -38.19 -2.29 43.32
N TYR A 175 -37.35 -3.29 43.07
CA TYR A 175 -36.08 -3.00 42.42
C TYR A 175 -36.25 -3.03 40.90
N SER A 176 -35.45 -2.23 40.21
CA SER A 176 -35.56 -2.24 38.76
C SER A 176 -34.20 -2.00 38.14
N VAL A 177 -34.06 -2.46 36.90
CA VAL A 177 -32.87 -2.24 36.11
C VAL A 177 -33.30 -1.64 34.78
N ASN A 178 -32.62 -0.56 34.36
CA ASN A 178 -32.77 0.06 33.05
C ASN A 178 -31.54 -0.20 32.21
N ALA A 179 -31.74 -0.68 30.99
CA ALA A 179 -30.67 -0.80 30.01
C ALA A 179 -31.03 0.07 28.80
N THR A 180 -30.16 1.02 28.48
CA THR A 180 -30.39 1.94 27.38
C THR A 180 -29.16 1.98 26.50
N ASN A 181 -29.37 1.90 25.18
CA ASN A 181 -28.30 2.27 24.27
C ASN A 181 -28.88 3.19 23.21
N SER A 182 -28.11 3.48 22.15
CA SER A 182 -28.52 4.50 21.18
C SER A 182 -29.69 4.09 20.28
N VAL A 183 -30.13 2.83 20.32
CA VAL A 183 -31.19 2.37 19.43
C VAL A 183 -32.39 1.83 20.18
N GLY A 184 -32.34 1.74 21.50
CA GLY A 184 -33.49 1.24 22.24
C GLY A 184 -33.30 1.35 23.73
N ARG A 185 -34.32 0.87 24.45
CA ARG A 185 -34.41 0.94 25.90
C ARG A 185 -35.09 -0.33 26.41
N ALA A 186 -34.79 -0.70 27.66
CA ALA A 186 -35.40 -1.89 28.28
C ALA A 186 -35.38 -1.77 29.80
N THR A 187 -36.40 -2.30 30.44
CA THR A 187 -36.56 -2.20 31.89
C THR A 187 -37.02 -3.51 32.47
N SER A 188 -36.40 -3.94 33.57
CA SER A 188 -36.85 -5.12 34.29
C SER A 188 -37.16 -4.69 35.72
N THR A 189 -38.33 -5.06 36.23
CA THR A 189 -38.67 -4.78 37.61
C THR A 189 -38.98 -6.08 38.35
N ALA A 190 -38.83 -6.02 39.67
CA ALA A 190 -38.94 -7.17 40.56
C ALA A 190 -39.18 -6.67 41.98
N GLU A 191 -39.79 -7.52 42.80
CA GLU A 191 -40.00 -7.17 44.20
C GLU A 191 -39.02 -7.94 45.08
N LEU A 192 -38.46 -7.25 46.06
CA LEU A 192 -37.64 -7.88 47.08
C LEU A 192 -38.32 -7.70 48.43
N LEU A 193 -38.60 -8.80 49.11
CA LEU A 193 -39.15 -8.77 50.47
C LEU A 193 -38.21 -9.54 51.38
N VAL A 194 -37.84 -8.91 52.50
CA VAL A 194 -36.94 -9.52 53.47
C VAL A 194 -37.69 -9.56 54.80
N GLN A 195 -37.84 -10.75 55.35
CA GLN A 195 -38.66 -10.90 56.55
C GLN A 195 -37.87 -10.58 57.83
N GLY A 196 -38.59 -10.02 58.84
CA GLY A 196 -37.98 -9.56 60.09
C GLY A 196 -37.50 -10.55 61.13
N GLU A 197 -38.03 -10.44 62.36
CA GLU A 197 -37.74 -11.36 63.51
C GLU A 197 -38.71 -12.56 63.54
N GLY B 1 13.01 44.99 57.29
CA GLY B 1 13.77 43.81 56.94
C GLY B 1 13.63 42.62 57.89
N ALA B 2 13.34 41.45 57.31
CA ALA B 2 13.24 40.19 58.05
C ALA B 2 14.08 39.13 57.36
N MET B 3 14.49 38.13 58.15
CA MET B 3 15.02 36.89 57.60
C MET B 3 13.92 35.85 57.64
N ALA B 4 13.77 35.11 56.56
CA ALA B 4 12.67 34.16 56.43
C ALA B 4 13.24 32.77 56.14
N THR B 5 12.55 31.75 56.65
CA THR B 5 12.87 30.37 56.34
C THR B 5 12.10 29.92 55.11
N GLN B 6 12.33 28.69 54.68
CA GLN B 6 11.64 28.17 53.51
C GLN B 6 11.57 26.65 53.64
N ALA B 7 10.34 26.11 53.66
CA ALA B 7 10.14 24.69 53.82
C ALA B 7 10.74 23.93 52.65
N PRO B 8 11.08 22.65 52.82
CA PRO B 8 11.73 21.92 51.73
C PRO B 8 10.80 21.83 50.54
N THR B 9 11.39 21.92 49.36
CA THR B 9 10.64 21.84 48.12
C THR B 9 11.56 21.28 47.03
N PHE B 10 10.97 20.50 46.13
CA PHE B 10 11.72 19.88 45.04
C PHE B 10 11.62 20.75 43.79
N THR B 11 12.71 21.42 43.43
CA THR B 11 12.70 22.11 42.15
C THR B 11 12.85 21.12 40.99
N GLN B 12 13.47 19.98 41.23
CA GLN B 12 13.52 18.89 40.26
C GLN B 12 13.16 17.61 41.00
N PRO B 13 12.07 16.94 40.62
CA PRO B 13 11.66 15.71 41.31
C PRO B 13 12.30 14.47 40.70
N LEU B 14 12.14 13.35 41.40
CA LEU B 14 12.55 12.06 40.90
C LEU B 14 11.74 11.66 39.66
N GLN B 15 12.39 10.92 38.75
CA GLN B 15 11.72 10.37 37.58
C GLN B 15 11.81 8.85 37.63
N SER B 16 10.66 8.20 37.42
CA SER B 16 10.64 6.75 37.30
C SER B 16 11.47 6.33 36.11
N VAL B 17 12.02 5.14 36.18
CA VAL B 17 12.87 4.68 35.09
C VAL B 17 12.72 3.18 34.96
N VAL B 18 12.80 2.71 33.72
CA VAL B 18 12.88 1.29 33.41
C VAL B 18 14.29 1.02 32.87
N VAL B 19 14.95 0.03 33.47
CA VAL B 19 16.36 -0.23 33.24
C VAL B 19 16.51 -1.70 32.91
N LEU B 20 17.45 -2.02 32.02
CA LEU B 20 17.74 -3.41 31.70
C LEU B 20 18.60 -4.03 32.80
N GLU B 21 18.34 -5.31 33.07
CA GLU B 21 19.13 -6.06 34.05
C GLU B 21 20.61 -5.92 33.76
N GLY B 22 21.41 -5.65 34.79
CA GLY B 22 22.83 -5.43 34.62
C GLY B 22 23.24 -3.98 34.41
N SER B 23 22.32 -3.12 33.96
CA SER B 23 22.64 -1.71 33.77
C SER B 23 22.57 -0.95 35.09
N THR B 24 22.84 0.35 35.01
CA THR B 24 22.90 1.21 36.18
C THR B 24 21.66 2.10 36.21
N ALA B 25 20.88 1.98 37.29
CA ALA B 25 19.74 2.84 37.54
C ALA B 25 20.18 4.09 38.27
N THR B 26 19.58 5.23 37.90
CA THR B 26 19.90 6.50 38.53
C THR B 26 18.66 7.32 38.85
N PHE B 27 18.67 7.93 40.03
CA PHE B 27 17.68 8.91 40.42
C PHE B 27 18.38 10.20 40.88
N GLU B 28 17.84 11.35 40.47
CA GLU B 28 18.39 12.62 40.90
C GLU B 28 17.27 13.58 41.21
N ALA B 29 17.45 14.38 42.26
CA ALA B 29 16.49 15.43 42.64
C ALA B 29 17.23 16.68 43.08
N HIS B 30 16.58 17.84 42.92
CA HIS B 30 17.08 19.11 43.43
C HIS B 30 16.13 19.62 44.51
N ILE B 31 16.68 20.00 45.65
CA ILE B 31 15.91 20.43 46.81
C ILE B 31 16.25 21.88 47.11
N SER B 32 15.25 22.62 47.54
CA SER B 32 15.43 23.95 48.10
C SER B 32 14.86 23.95 49.50
N GLY B 33 15.30 24.88 50.30
CA GLY B 33 14.80 25.00 51.65
C GLY B 33 15.84 25.66 52.51
N PHE B 34 15.38 26.33 53.56
CA PHE B 34 16.25 26.89 54.53
C PHE B 34 15.61 26.72 55.90
N PRO B 35 16.34 26.19 56.90
CA PRO B 35 17.70 25.67 56.78
C PRO B 35 17.81 24.55 55.74
N VAL B 36 19.02 24.25 55.29
CA VAL B 36 19.16 23.27 54.21
C VAL B 36 18.49 21.98 54.64
N PRO B 37 17.57 21.44 53.86
CA PRO B 37 16.82 20.27 54.32
C PRO B 37 17.67 19.00 54.30
N GLU B 38 17.33 18.10 55.22
CA GLU B 38 17.81 16.73 55.16
C GLU B 38 17.05 15.80 54.26
N VAL B 39 17.80 14.98 53.55
CA VAL B 39 17.23 14.08 52.57
C VAL B 39 17.55 12.65 53.01
N SER B 40 16.54 11.77 52.91
CA SER B 40 16.69 10.36 53.24
C SER B 40 16.00 9.58 52.15
N TRP B 41 16.65 8.53 51.68
CA TRP B 41 16.14 7.71 50.60
C TRP B 41 15.49 6.47 51.16
N PHE B 42 14.40 6.03 50.53
CA PHE B 42 13.67 4.87 50.98
C PHE B 42 13.28 4.01 49.79
N ARG B 43 13.30 2.70 50.00
CA ARG B 43 12.67 1.76 49.09
C ARG B 43 11.44 1.16 49.78
N ASP B 44 10.35 1.07 49.02
CA ASP B 44 9.11 0.41 49.45
C ASP B 44 8.62 0.94 50.78
N GLY B 45 8.71 2.25 50.95
CA GLY B 45 8.11 2.86 52.12
C GLY B 45 9.02 2.93 53.33
N GLN B 46 9.40 1.79 53.88
CA GLN B 46 10.01 1.79 55.20
C GLN B 46 11.48 1.43 55.19
N VAL B 47 12.04 0.99 54.07
CA VAL B 47 13.41 0.47 54.06
C VAL B 47 14.39 1.60 53.74
N LYS B 48 15.22 1.97 54.71
CA LYS B 48 16.25 2.97 54.48
C LYS B 48 17.28 2.44 53.48
N LEU B 49 17.47 3.18 52.39
CA LEU B 49 18.25 2.63 51.30
C LEU B 49 19.70 2.35 51.67
N GLU B 50 20.29 3.15 52.55
CA GLU B 50 21.68 2.94 52.94
C GLU B 50 21.88 1.67 53.76
N ARG B 51 20.81 0.95 54.10
CA ARG B 51 20.90 -0.35 54.75
C ARG B 51 20.91 -1.49 53.75
N LEU B 52 20.74 -1.20 52.49
CA LEU B 52 20.75 -2.21 51.44
C LEU B 52 22.07 -2.18 50.70
N PRO B 53 22.59 -3.32 50.28
CA PRO B 53 23.90 -3.33 49.63
C PRO B 53 23.80 -2.85 48.20
N GLY B 54 24.92 -2.29 47.72
CA GLY B 54 25.07 -1.97 46.32
C GLY B 54 24.47 -0.66 45.87
N VAL B 55 24.31 0.29 46.79
CA VAL B 55 23.75 1.58 46.42
C VAL B 55 24.79 2.66 46.67
N GLN B 56 24.66 3.76 45.91
CA GLN B 56 25.51 4.94 46.06
C GLN B 56 24.60 6.14 46.25
N ILE B 57 24.75 6.80 47.38
CA ILE B 57 23.96 7.98 47.70
C ILE B 57 24.90 9.14 47.88
N SER B 58 24.61 10.26 47.21
CA SER B 58 25.35 11.49 47.46
C SER B 58 24.39 12.66 47.56
N PHE B 59 24.82 13.70 48.28
CA PHE B 59 24.06 14.92 48.44
C PHE B 59 25.03 16.06 48.68
N SER B 60 24.90 17.11 47.88
CA SER B 60 25.70 18.30 48.06
C SER B 60 25.03 19.41 47.27
N ASP B 61 24.98 20.60 47.87
CA ASP B 61 24.43 21.76 47.19
C ASP B 61 23.00 21.50 46.73
N GLY B 62 22.19 20.89 47.59
CA GLY B 62 20.81 20.63 47.24
C GLY B 62 20.55 19.65 46.12
N ARG B 63 21.56 18.92 45.68
CA ARG B 63 21.43 17.91 44.65
C ARG B 63 21.51 16.54 45.29
N ALA B 64 20.45 15.76 45.17
CA ALA B 64 20.42 14.42 45.74
C ALA B 64 20.46 13.39 44.64
N LYS B 65 21.41 12.45 44.72
CA LYS B 65 21.61 11.47 43.66
C LYS B 65 21.69 10.08 44.27
N LEU B 66 20.91 9.16 43.73
CA LEU B 66 20.97 7.75 44.08
C LEU B 66 21.36 6.97 42.85
N THR B 67 22.38 6.13 42.99
CA THR B 67 22.88 5.29 41.92
C THR B 67 22.87 3.83 42.36
N ILE B 68 22.31 2.97 41.53
CA ILE B 68 22.34 1.52 41.77
C ILE B 68 22.95 0.84 40.55
N PRO B 69 24.22 0.48 40.57
CA PRO B 69 24.80 -0.22 39.44
C PRO B 69 24.43 -1.69 39.42
N ALA B 70 24.55 -2.29 38.23
CA ALA B 70 24.39 -3.74 38.04
C ALA B 70 23.05 -4.23 38.59
N VAL B 71 21.97 -3.53 38.24
CA VAL B 71 20.67 -3.80 38.82
C VAL B 71 20.23 -5.21 38.51
N THR B 72 19.47 -5.78 39.45
CA THR B 72 18.78 -7.05 39.31
C THR B 72 17.32 -6.79 39.63
N LYS B 73 16.48 -7.82 39.46
CA LYS B 73 15.06 -7.62 39.67
C LYS B 73 14.74 -7.29 41.12
N ALA B 74 15.62 -7.69 42.04
CA ALA B 74 15.42 -7.36 43.45
C ALA B 74 15.50 -5.87 43.70
N ASN B 75 16.05 -5.11 42.76
CA ASN B 75 16.10 -3.66 42.89
C ASN B 75 14.82 -2.98 42.44
N SER B 76 13.92 -3.70 41.78
CA SER B 76 12.65 -3.12 41.41
C SER B 76 11.89 -2.69 42.67
N GLY B 77 11.21 -1.55 42.59
CA GLY B 77 10.42 -1.07 43.70
C GLY B 77 10.11 0.40 43.62
N ARG B 78 9.44 0.89 44.65
CA ARG B 78 9.09 2.30 44.76
C ARG B 78 10.16 2.99 45.61
N TYR B 79 10.77 4.03 45.06
CA TYR B 79 11.84 4.76 45.72
C TYR B 79 11.36 6.13 46.12
N SER B 80 11.68 6.54 47.34
CA SER B 80 11.19 7.81 47.88
C SER B 80 12.40 8.60 48.40
N LEU B 81 12.33 9.91 48.21
CA LEU B 81 13.30 10.83 48.80
C LEU B 81 12.51 11.79 49.68
N LYS B 82 12.84 11.82 50.96
CA LYS B 82 12.13 12.66 51.91
C LYS B 82 13.08 13.76 52.38
N ALA B 83 12.67 15.01 52.19
CA ALA B 83 13.44 16.19 52.58
C ALA B 83 12.75 16.87 53.75
N THR B 84 13.51 17.21 54.79
CA THR B 84 12.95 17.68 56.05
C THR B 84 13.77 18.84 56.60
N ASN B 85 13.09 19.89 57.04
CA ASN B 85 13.72 20.86 57.92
C ASN B 85 12.66 21.31 58.91
N GLY B 86 13.00 22.31 59.73
CA GLY B 86 12.11 22.73 60.80
C GLY B 86 10.78 23.32 60.36
N SER B 87 10.66 23.70 59.09
CA SER B 87 9.45 24.34 58.56
C SER B 87 8.55 23.38 57.82
N GLY B 88 8.99 22.15 57.56
CA GLY B 88 8.17 21.26 56.77
C GLY B 88 8.96 20.13 56.16
N GLN B 89 8.25 19.36 55.33
CA GLN B 89 8.81 18.20 54.67
C GLN B 89 8.21 18.06 53.27
N ALA B 90 9.06 17.61 52.34
CA ALA B 90 8.66 17.32 50.97
C ALA B 90 9.17 15.94 50.58
N THR B 91 8.38 15.24 49.76
CA THR B 91 8.71 13.89 49.34
C THR B 91 8.51 13.75 47.85
N SER B 92 9.51 13.18 47.17
CA SER B 92 9.41 12.83 45.77
C SER B 92 9.52 11.32 45.66
N THR B 93 8.75 10.73 44.73
CA THR B 93 8.69 9.29 44.57
C THR B 93 8.82 8.90 43.11
N ALA B 94 9.47 7.76 42.87
CA ALA B 94 9.57 7.21 41.53
C ALA B 94 9.64 5.69 41.63
N GLU B 95 9.33 5.03 40.52
CA GLU B 95 9.47 3.58 40.45
C GLU B 95 10.76 3.22 39.71
N LEU B 96 11.35 2.12 40.11
CA LEU B 96 12.43 1.49 39.37
C LEU B 96 11.88 0.16 38.88
N LEU B 97 11.85 -0.03 37.57
CA LEU B 97 11.42 -1.30 37.01
C LEU B 97 12.59 -1.92 36.26
N VAL B 98 12.96 -3.13 36.65
CA VAL B 98 14.10 -3.82 36.06
C VAL B 98 13.58 -4.88 35.10
N LYS B 99 13.99 -4.79 33.84
CA LYS B 99 13.54 -5.73 32.83
C LYS B 99 14.69 -6.70 32.56
N ALA B 100 14.35 -7.98 32.45
CA ALA B 100 15.33 -9.05 32.22
C ALA B 100 15.87 -9.07 30.79
N GLU B 101 15.06 -8.68 29.80
CA GLU B 101 15.53 -8.61 28.43
C GLU B 101 15.01 -7.34 27.77
N THR B 102 15.64 -6.97 26.65
CA THR B 102 15.31 -5.75 25.90
C THR B 102 13.87 -5.76 25.41
N ALA B 103 13.35 -4.56 25.15
CA ALA B 103 11.98 -4.35 24.70
C ALA B 103 11.93 -3.36 23.54
N PRO B 104 11.11 -3.65 22.54
CA PRO B 104 10.98 -2.75 21.39
C PRO B 104 10.15 -1.53 21.74
N PRO B 105 10.18 -0.49 20.91
CA PRO B 105 9.43 0.73 21.21
C PRO B 105 7.95 0.44 21.33
N ASN B 106 7.34 0.98 22.39
CA ASN B 106 5.91 0.83 22.64
C ASN B 106 5.30 2.19 22.96
N PHE B 107 4.21 2.51 22.26
CA PHE B 107 3.45 3.73 22.53
C PHE B 107 2.49 3.46 23.68
N VAL B 108 2.90 3.87 24.88
CA VAL B 108 2.05 3.72 26.05
C VAL B 108 0.93 4.74 26.03
N GLN B 109 1.16 5.89 25.40
CA GLN B 109 0.15 6.87 25.07
C GLN B 109 0.23 7.16 23.58
N ARG B 110 -0.86 6.93 22.84
CA ARG B 110 -0.84 7.13 21.40
C ARG B 110 -1.03 8.59 21.05
N LEU B 111 -0.47 8.98 19.91
CA LEU B 111 -0.81 10.27 19.33
C LEU B 111 -2.33 10.34 19.14
N GLN B 112 -2.90 11.51 19.40
CA GLN B 112 -4.35 11.68 19.46
C GLN B 112 -4.82 12.74 18.49
N SER B 113 -5.88 12.44 17.74
CA SER B 113 -6.37 13.37 16.74
C SER B 113 -7.14 14.49 17.43
N MET B 114 -6.97 15.72 16.93
CA MET B 114 -7.49 16.89 17.63
C MET B 114 -8.04 17.91 16.66
N THR B 115 -9.14 18.55 17.08
CA THR B 115 -9.71 19.70 16.40
C THR B 115 -9.70 20.87 17.37
N VAL B 116 -9.02 21.94 16.99
CA VAL B 116 -8.79 23.05 17.90
C VAL B 116 -9.19 24.32 17.18
N ARG B 117 -9.44 25.40 17.94
CA ARG B 117 -9.72 26.57 17.14
C ARG B 117 -8.48 27.39 16.90
N GLN B 118 -8.55 28.22 15.87
CA GLN B 118 -7.39 29.00 15.47
C GLN B 118 -6.96 29.92 16.59
N GLY B 119 -5.65 29.93 16.84
CA GLY B 119 -5.06 30.64 17.96
C GLY B 119 -4.85 29.78 19.21
N SER B 120 -5.53 28.64 19.31
CA SER B 120 -5.25 27.71 20.41
C SER B 120 -3.80 27.27 20.33
N GLN B 121 -3.21 27.05 21.50
CA GLN B 121 -1.97 26.29 21.55
C GLN B 121 -2.36 24.83 21.64
N VAL B 122 -1.63 23.97 20.94
CA VAL B 122 -1.95 22.55 20.91
C VAL B 122 -0.72 21.75 21.31
N ARG B 123 -0.95 20.69 22.10
CA ARG B 123 0.11 19.77 22.47
C ARG B 123 -0.24 18.38 21.94
N LEU B 124 0.64 17.82 21.13
CA LEU B 124 0.53 16.46 20.64
C LEU B 124 1.56 15.62 21.39
N GLN B 125 1.09 14.74 22.28
CA GLN B 125 1.95 14.01 23.20
C GLN B 125 1.87 12.50 22.97
N VAL B 126 3.01 11.84 23.10
CA VAL B 126 3.08 10.39 23.21
C VAL B 126 3.96 10.06 24.40
N ARG B 127 3.74 8.87 24.96
CA ARG B 127 4.63 8.28 25.95
C ARG B 127 5.21 7.02 25.33
N VAL B 128 6.53 6.89 25.36
CA VAL B 128 7.22 5.85 24.62
C VAL B 128 8.17 5.10 25.55
N THR B 129 8.01 3.79 25.60
CA THR B 129 8.90 2.89 26.31
C THR B 129 9.76 2.13 25.31
N GLY B 130 10.82 1.51 25.83
CA GLY B 130 11.71 0.69 25.05
C GLY B 130 13.06 0.53 25.71
N ILE B 131 13.67 -0.64 25.57
CA ILE B 131 15.02 -0.90 26.04
C ILE B 131 15.77 -1.52 24.86
N PRO B 132 16.79 -0.86 24.30
CA PRO B 132 17.33 0.46 24.67
C PRO B 132 16.32 1.57 24.48
N THR B 133 16.52 2.70 25.12
CA THR B 133 15.57 3.80 25.00
C THR B 133 15.45 4.18 23.53
N PRO B 134 14.23 4.22 22.98
CA PRO B 134 14.08 4.41 21.53
C PRO B 134 14.36 5.84 21.10
N VAL B 135 14.68 5.96 19.81
CA VAL B 135 14.82 7.25 19.14
C VAL B 135 13.46 7.66 18.58
N VAL B 136 13.01 8.85 18.97
CA VAL B 136 11.65 9.31 18.74
C VAL B 136 11.70 10.53 17.83
N LYS B 137 10.96 10.48 16.72
CA LYS B 137 10.92 11.60 15.77
C LYS B 137 9.46 11.91 15.41
N PHE B 138 9.16 13.20 15.28
CA PHE B 138 7.82 13.66 14.92
C PHE B 138 7.79 14.07 13.46
N TYR B 139 6.65 13.81 12.83
CA TYR B 139 6.50 14.17 11.43
C TYR B 139 5.13 14.81 11.26
N ARG B 140 5.05 15.74 10.32
CA ARG B 140 3.80 16.29 9.86
C ARG B 140 3.74 16.03 8.36
N ASP B 141 2.74 15.27 7.93
CA ASP B 141 2.61 14.88 6.53
C ASP B 141 3.89 14.25 6.01
N GLY B 142 4.53 13.43 6.82
CA GLY B 142 5.69 12.68 6.38
C GLY B 142 7.00 13.42 6.41
N ALA B 143 7.01 14.70 6.79
CA ALA B 143 8.24 15.48 6.91
C ALA B 143 8.60 15.59 8.37
N GLU B 144 9.87 15.34 8.69
CA GLU B 144 10.30 15.40 10.08
C GLU B 144 10.14 16.82 10.61
N ILE B 145 9.73 16.94 11.87
CA ILE B 145 9.35 18.22 12.43
C ILE B 145 10.57 19.03 12.84
N GLN B 146 10.71 20.18 12.20
CA GLN B 146 11.69 21.21 12.50
C GLN B 146 11.28 22.07 13.70
N SER B 147 12.14 22.18 14.72
CA SER B 147 11.86 23.16 15.76
C SER B 147 11.96 24.53 15.08
N SER B 148 10.83 25.20 14.89
CA SER B 148 10.79 26.48 14.21
C SER B 148 9.76 27.38 14.91
N LEU B 149 9.52 28.57 14.36
CA LEU B 149 8.96 29.65 15.16
C LEU B 149 7.63 29.27 15.84
N ASP B 150 6.80 28.46 15.21
CA ASP B 150 5.56 28.03 15.84
C ASP B 150 5.66 26.68 16.56
N PHE B 151 6.59 25.81 16.18
CA PHE B 151 6.64 24.44 16.66
C PHE B 151 7.88 24.18 17.49
N GLN B 152 7.78 23.21 18.39
CA GLN B 152 8.87 22.86 19.28
C GLN B 152 8.57 21.53 19.96
N ILE B 153 9.49 20.60 19.82
CA ILE B 153 9.45 19.30 20.47
C ILE B 153 10.21 19.35 21.77
N SER B 154 9.63 18.76 22.83
CA SER B 154 10.30 18.70 24.13
C SER B 154 9.97 17.36 24.79
N GLN B 155 10.90 16.87 25.60
CA GLN B 155 10.85 15.55 26.21
C GLN B 155 11.09 15.65 27.71
N GLU B 156 10.29 14.89 28.47
CA GLU B 156 10.39 14.84 29.92
C GLU B 156 10.29 13.35 30.26
N GLY B 157 11.39 12.67 30.56
CA GLY B 157 11.27 11.23 30.75
C GLY B 157 10.85 10.56 29.46
N ASP B 158 9.87 9.66 29.51
CA ASP B 158 9.36 8.97 28.33
C ASP B 158 8.22 9.73 27.63
N LEU B 159 7.98 10.98 28.03
CA LEU B 159 6.91 11.81 27.48
C LEU B 159 7.46 12.79 26.43
N TYR B 160 6.96 12.67 25.20
CA TYR B 160 7.40 13.50 24.08
C TYR B 160 6.24 14.35 23.59
N SER B 161 6.44 15.66 23.54
CA SER B 161 5.37 16.61 23.25
C SER B 161 5.77 17.45 22.06
N LEU B 162 4.85 17.57 21.10
CA LEU B 162 4.94 18.55 20.02
C LEU B 162 4.08 19.74 20.42
N LEU B 163 4.67 20.91 20.46
CA LEU B 163 3.99 22.11 20.93
C LEU B 163 3.86 23.13 19.81
N ILE B 164 2.62 23.38 19.38
CA ILE B 164 2.29 24.46 18.45
C ILE B 164 1.82 25.67 19.26
N ALA B 165 2.56 26.79 19.18
CA ALA B 165 2.30 27.92 20.07
C ALA B 165 0.90 28.52 19.84
N GLU B 166 0.55 28.79 18.58
CA GLU B 166 -0.80 29.20 18.24
C GLU B 166 -1.15 28.51 16.93
N ALA B 167 -2.24 27.77 16.94
CA ALA B 167 -2.56 26.93 15.81
C ALA B 167 -3.18 27.77 14.70
N TYR B 168 -2.71 27.54 13.48
CA TYR B 168 -3.24 28.13 12.26
C TYR B 168 -3.65 27.00 11.31
N PRO B 169 -4.58 27.27 10.38
CA PRO B 169 -5.01 26.20 9.46
C PRO B 169 -3.88 25.53 8.70
N GLU B 170 -2.82 26.27 8.32
CA GLU B 170 -1.75 25.66 7.55
C GLU B 170 -1.10 24.51 8.33
N ASP B 171 -1.33 24.45 9.65
CA ASP B 171 -0.79 23.42 10.54
C ASP B 171 -1.59 22.11 10.48
N SER B 172 -2.72 22.10 9.80
CA SER B 172 -3.52 20.89 9.70
C SER B 172 -2.75 19.81 8.98
N GLY B 173 -3.03 18.56 9.33
CA GLY B 173 -2.49 17.44 8.60
C GLY B 173 -2.41 16.17 9.43
N THR B 174 -1.75 15.16 8.85
CA THR B 174 -1.50 13.89 9.51
C THR B 174 -0.14 13.96 10.19
N TYR B 175 -0.14 14.02 11.52
CA TYR B 175 1.07 13.98 12.33
C TYR B 175 1.44 12.55 12.69
N SER B 176 2.73 12.31 12.86
CA SER B 176 3.14 10.96 13.24
C SER B 176 4.37 11.02 14.13
N VAL B 177 4.55 9.96 14.91
CA VAL B 177 5.72 9.78 15.74
C VAL B 177 6.28 8.39 15.41
N ASN B 178 7.59 8.34 15.16
CA ASN B 178 8.32 7.09 14.98
C ASN B 178 9.21 6.88 16.18
N ALA B 179 9.12 5.70 16.78
CA ALA B 179 10.03 5.28 17.85
C ALA B 179 10.76 4.03 17.39
N THR B 180 12.08 4.12 17.32
CA THR B 180 12.88 2.98 16.87
C THR B 180 14.02 2.75 17.83
N ASN B 181 14.24 1.49 18.22
CA ASN B 181 15.50 1.14 18.86
C ASN B 181 16.04 -0.10 18.17
N SER B 182 17.06 -0.71 18.76
CA SER B 182 17.75 -1.82 18.11
C SER B 182 16.90 -3.09 17.99
N VAL B 183 15.73 -3.12 18.61
CA VAL B 183 14.94 -4.34 18.75
C VAL B 183 13.57 -4.24 18.12
N GLY B 184 13.13 -3.04 17.73
CA GLY B 184 11.83 -2.92 17.12
C GLY B 184 11.56 -1.49 16.71
N ARG B 185 10.37 -1.28 16.18
CA ARG B 185 9.96 0.02 15.67
C ARG B 185 8.46 0.18 15.83
N ALA B 186 8.02 1.43 15.95
CA ALA B 186 6.62 1.72 16.21
C ALA B 186 6.28 3.09 15.65
N THR B 187 5.02 3.23 15.23
CA THR B 187 4.53 4.46 14.63
C THR B 187 3.12 4.76 15.12
N SER B 188 2.88 6.00 15.49
CA SER B 188 1.54 6.46 15.84
C SER B 188 1.17 7.64 14.94
N THR B 189 -0.03 7.60 14.36
CA THR B 189 -0.50 8.72 13.56
C THR B 189 -1.81 9.28 14.11
N ALA B 190 -2.06 10.54 13.74
CA ALA B 190 -3.20 11.33 14.22
C ALA B 190 -3.40 12.50 13.27
N GLU B 191 -4.62 13.04 13.25
CA GLU B 191 -4.97 14.17 12.42
C GLU B 191 -5.11 15.42 13.27
N LEU B 192 -4.57 16.54 12.80
CA LEU B 192 -4.79 17.82 13.47
C LEU B 192 -5.61 18.71 12.53
N LEU B 193 -6.77 19.16 13.00
CA LEU B 193 -7.60 20.09 12.25
C LEU B 193 -7.79 21.34 13.09
N VAL B 194 -7.59 22.51 12.47
CA VAL B 194 -7.80 23.75 13.21
C VAL B 194 -8.81 24.60 12.44
N GLN B 195 -9.91 24.96 13.10
CA GLN B 195 -10.92 25.78 12.42
C GLN B 195 -10.60 27.26 12.52
N GLY B 196 -10.83 27.96 11.42
CA GLY B 196 -10.72 29.41 11.43
C GLY B 196 -11.65 30.07 12.44
N MET C 3 -12.84 -28.75 10.85
CA MET C 3 -11.76 -27.90 10.35
C MET C 3 -12.23 -26.46 10.06
N ALA C 4 -11.75 -25.51 10.87
CA ALA C 4 -12.15 -24.12 10.81
C ALA C 4 -11.26 -23.32 9.86
N THR C 5 -11.75 -22.15 9.47
CA THR C 5 -11.15 -21.40 8.38
C THR C 5 -9.75 -20.88 8.74
N GLN C 6 -8.92 -20.73 7.72
CA GLN C 6 -7.58 -20.21 7.88
C GLN C 6 -7.15 -19.60 6.56
N ALA C 7 -6.73 -18.32 6.61
CA ALA C 7 -6.28 -17.60 5.42
C ALA C 7 -5.04 -18.26 4.80
N PRO C 8 -4.82 -18.07 3.51
CA PRO C 8 -3.70 -18.76 2.85
C PRO C 8 -2.35 -18.24 3.36
N THR C 9 -1.37 -19.13 3.37
CA THR C 9 -0.01 -18.76 3.71
C THR C 9 0.94 -19.72 3.03
N PHE C 10 2.16 -19.26 2.79
CA PHE C 10 3.21 -20.07 2.17
C PHE C 10 4.10 -20.66 3.25
N THR C 11 4.02 -21.97 3.46
CA THR C 11 4.96 -22.59 4.39
C THR C 11 6.34 -22.69 3.75
N GLN C 12 6.39 -22.73 2.42
CA GLN C 12 7.64 -22.65 1.68
C GLN C 12 7.44 -21.58 0.61
N PRO C 13 8.19 -20.49 0.65
CA PRO C 13 7.98 -19.41 -0.32
C PRO C 13 8.82 -19.61 -1.57
N LEU C 14 8.49 -18.82 -2.59
CA LEU C 14 9.32 -18.78 -3.80
C LEU C 14 10.69 -18.21 -3.47
N GLN C 15 11.72 -18.72 -4.16
CA GLN C 15 13.09 -18.26 -4.00
C GLN C 15 13.62 -17.70 -5.32
N SER C 16 14.27 -16.53 -5.25
CA SER C 16 14.93 -15.99 -6.42
C SER C 16 16.04 -16.93 -6.89
N VAL C 17 16.28 -16.96 -8.20
CA VAL C 17 17.22 -17.91 -8.75
C VAL C 17 17.89 -17.28 -9.97
N VAL C 18 19.18 -17.60 -10.15
CA VAL C 18 19.91 -17.28 -11.36
C VAL C 18 20.09 -18.57 -12.15
N VAL C 19 19.66 -18.56 -13.40
CA VAL C 19 19.57 -19.76 -14.21
C VAL C 19 20.35 -19.53 -15.49
N LEU C 20 21.07 -20.56 -15.92
CA LEU C 20 21.83 -20.45 -17.14
C LEU C 20 20.90 -20.57 -18.34
N GLU C 21 21.17 -19.79 -19.38
CA GLU C 21 20.38 -19.83 -20.60
C GLU C 21 20.25 -21.27 -21.11
N GLY C 22 19.03 -21.64 -21.49
CA GLY C 22 18.75 -22.94 -22.06
C GLY C 22 18.37 -24.02 -21.07
N SER C 23 18.81 -23.91 -19.81
CA SER C 23 18.39 -24.90 -18.83
C SER C 23 16.99 -24.51 -18.33
N THR C 24 16.47 -25.28 -17.38
CA THR C 24 15.09 -25.15 -16.93
C THR C 24 15.06 -24.39 -15.61
N ALA C 25 14.29 -23.31 -15.57
CA ALA C 25 14.02 -22.57 -14.33
C ALA C 25 12.85 -23.22 -13.59
N THR C 26 12.95 -23.28 -12.27
CA THR C 26 11.89 -23.86 -11.46
C THR C 26 11.59 -22.97 -10.27
N PHE C 27 10.30 -22.81 -9.99
CA PHE C 27 9.79 -22.20 -8.78
C PHE C 27 8.82 -23.18 -8.11
N GLU C 28 8.93 -23.33 -6.80
CA GLU C 28 8.02 -24.23 -6.09
C GLU C 28 7.63 -23.58 -4.76
N ALA C 29 6.37 -23.76 -4.38
CA ALA C 29 5.92 -23.26 -3.08
C ALA C 29 5.00 -24.30 -2.43
N HIS C 30 4.97 -24.27 -1.10
CA HIS C 30 4.02 -25.05 -0.33
C HIS C 30 3.05 -24.09 0.30
N ILE C 31 1.77 -24.32 0.09
CA ILE C 31 0.72 -23.42 0.54
C ILE C 31 -0.10 -24.15 1.58
N SER C 32 -0.52 -23.42 2.59
CA SER C 32 -1.49 -23.91 3.54
C SER C 32 -2.67 -22.94 3.54
N GLY C 33 -3.81 -23.44 4.01
CA GLY C 33 -5.03 -22.65 4.11
C GLY C 33 -6.24 -23.55 4.03
N PHE C 34 -7.32 -23.09 4.67
CA PHE C 34 -8.61 -23.77 4.60
C PHE C 34 -9.70 -22.72 4.46
N PRO C 35 -10.61 -22.87 3.48
CA PRO C 35 -10.57 -23.93 2.46
C PRO C 35 -9.31 -23.83 1.60
N VAL C 36 -8.97 -24.91 0.89
CA VAL C 36 -7.73 -24.96 0.11
C VAL C 36 -7.72 -23.80 -0.87
N PRO C 37 -6.69 -22.97 -0.84
CA PRO C 37 -6.69 -21.74 -1.65
C PRO C 37 -6.57 -22.03 -3.14
N GLU C 38 -7.08 -21.09 -3.93
CA GLU C 38 -6.88 -21.07 -5.37
C GLU C 38 -5.56 -20.36 -5.63
N VAL C 39 -4.81 -20.88 -6.59
CA VAL C 39 -3.47 -20.39 -6.86
C VAL C 39 -3.41 -19.86 -8.28
N SER C 40 -2.70 -18.75 -8.46
CA SER C 40 -2.52 -18.13 -9.76
C SER C 40 -1.09 -17.62 -9.85
N TRP C 41 -0.46 -17.85 -10.99
CA TRP C 41 0.90 -17.39 -11.21
C TRP C 41 0.89 -16.14 -12.09
N PHE C 42 1.82 -15.23 -11.81
CA PHE C 42 1.93 -13.98 -12.55
C PHE C 42 3.39 -13.70 -12.84
N ARG C 43 3.63 -13.14 -14.02
CA ARG C 43 4.93 -12.54 -14.27
C ARG C 43 4.78 -11.02 -14.28
N ASP C 44 5.76 -10.35 -13.67
CA ASP C 44 5.87 -8.89 -13.69
C ASP C 44 4.57 -8.24 -13.23
N GLY C 45 3.97 -8.81 -12.19
CA GLY C 45 2.83 -8.19 -11.57
C GLY C 45 1.50 -8.55 -12.19
N GLN C 46 1.31 -8.19 -13.47
CA GLN C 46 -0.02 -8.20 -14.05
C GLN C 46 -0.23 -9.22 -15.15
N VAL C 47 0.81 -9.92 -15.58
CA VAL C 47 0.68 -10.84 -16.72
C VAL C 47 0.37 -12.23 -16.18
N LYS C 48 -0.82 -12.72 -16.49
CA LYS C 48 -1.21 -14.06 -16.09
C LYS C 48 -0.32 -15.09 -16.78
N LEU C 49 0.44 -15.85 -15.98
CA LEU C 49 1.48 -16.70 -16.54
C LEU C 49 0.91 -17.79 -17.45
N GLU C 50 -0.31 -18.26 -17.19
CA GLU C 50 -0.88 -19.31 -18.03
C GLU C 50 -1.25 -18.80 -19.42
N ARG C 51 -1.12 -17.50 -19.67
CA ARG C 51 -1.36 -16.96 -21.00
C ARG C 51 -0.11 -16.93 -21.86
N LEU C 52 1.03 -17.31 -21.31
CA LEU C 52 2.31 -17.31 -21.98
C LEU C 52 2.70 -18.71 -22.42
N PRO C 53 3.31 -18.87 -23.58
CA PRO C 53 3.67 -20.21 -24.04
C PRO C 53 4.92 -20.71 -23.34
N GLY C 54 5.01 -22.03 -23.23
CA GLY C 54 6.23 -22.66 -22.77
C GLY C 54 6.42 -22.74 -21.28
N VAL C 55 5.34 -22.74 -20.51
CA VAL C 55 5.40 -22.90 -19.06
C VAL C 55 4.65 -24.17 -18.67
N GLN C 56 5.02 -24.70 -17.49
CA GLN C 56 4.33 -25.84 -16.89
C GLN C 56 3.93 -25.47 -15.47
N ILE C 57 2.64 -25.57 -15.18
CA ILE C 57 2.08 -25.24 -13.87
C ILE C 57 1.42 -26.49 -13.30
N SER C 58 1.76 -26.84 -12.06
CA SER C 58 1.08 -27.92 -11.36
C SER C 58 0.77 -27.48 -9.94
N PHE C 59 -0.21 -28.15 -9.34
CA PHE C 59 -0.65 -27.92 -7.97
C PHE C 59 -1.24 -29.23 -7.44
N SER C 60 -0.73 -29.69 -6.31
CA SER C 60 -1.30 -30.88 -5.71
C SER C 60 -0.83 -30.98 -4.27
N ASP C 61 -1.77 -31.28 -3.36
CA ASP C 61 -1.45 -31.46 -1.95
C ASP C 61 -0.67 -30.25 -1.42
N GLY C 62 -1.11 -29.07 -1.80
CA GLY C 62 -0.47 -27.84 -1.40
C GLY C 62 0.89 -27.57 -2.00
N ARG C 63 1.31 -28.33 -3.01
CA ARG C 63 2.59 -28.09 -3.66
C ARG C 63 2.31 -27.43 -5.01
N ALA C 64 2.80 -26.20 -5.16
CA ALA C 64 2.62 -25.40 -6.37
C ALA C 64 3.97 -25.31 -7.07
N LYS C 65 4.01 -25.72 -8.34
CA LYS C 65 5.26 -25.81 -9.07
C LYS C 65 5.14 -25.12 -10.42
N LEU C 66 6.10 -24.27 -10.73
CA LEU C 66 6.21 -23.63 -12.03
C LEU C 66 7.55 -24.00 -12.64
N THR C 67 7.53 -24.52 -13.87
CA THR C 67 8.78 -24.78 -14.57
C THR C 67 8.74 -24.08 -15.92
N ILE C 68 9.85 -23.44 -16.27
CA ILE C 68 10.05 -22.85 -17.57
C ILE C 68 11.27 -23.52 -18.19
N PRO C 69 11.07 -24.50 -19.06
CA PRO C 69 12.22 -25.15 -19.71
C PRO C 69 12.81 -24.23 -20.77
N ALA C 70 14.05 -24.55 -21.16
CA ALA C 70 14.73 -23.88 -22.28
C ALA C 70 14.75 -22.38 -22.07
N VAL C 71 15.10 -21.98 -20.84
CA VAL C 71 14.96 -20.59 -20.46
C VAL C 71 15.81 -19.70 -21.36
N THR C 72 15.28 -18.52 -21.68
CA THR C 72 15.98 -17.49 -22.41
C THR C 72 15.90 -16.19 -21.61
N LYS C 73 16.64 -15.17 -22.05
CA LYS C 73 16.68 -13.92 -21.28
C LYS C 73 15.32 -13.25 -21.27
N ALA C 74 14.46 -13.53 -22.25
CA ALA C 74 13.13 -12.94 -22.25
C ALA C 74 12.29 -13.45 -21.11
N ASN C 75 12.67 -14.59 -20.51
CA ASN C 75 12.00 -15.14 -19.36
C ASN C 75 12.45 -14.45 -18.08
N SER C 76 13.48 -13.62 -18.17
CA SER C 76 13.92 -12.93 -16.97
C SER C 76 12.79 -12.08 -16.42
N GLY C 77 12.69 -12.08 -15.13
CA GLY C 77 11.69 -11.25 -14.54
C GLY C 77 11.27 -11.65 -13.15
N ARG C 78 10.27 -10.92 -12.75
CA ARG C 78 9.56 -10.98 -11.52
C ARG C 78 8.46 -12.04 -11.58
N TYR C 79 8.50 -13.05 -10.71
CA TYR C 79 7.44 -14.07 -10.70
C TYR C 79 6.68 -14.10 -9.38
N SER C 80 5.35 -14.18 -9.45
CA SER C 80 4.51 -14.15 -8.26
C SER C 80 3.50 -15.30 -8.27
N LEU C 81 3.23 -15.84 -7.07
CA LEU C 81 2.21 -16.86 -6.86
C LEU C 81 1.20 -16.30 -5.88
N LYS C 82 -0.07 -16.26 -6.27
CA LYS C 82 -1.13 -15.73 -5.42
C LYS C 82 -2.00 -16.89 -4.98
N ALA C 83 -2.15 -17.05 -3.66
CA ALA C 83 -3.01 -18.06 -3.08
C ALA C 83 -4.17 -17.34 -2.41
N THR C 84 -5.39 -17.76 -2.71
CA THR C 84 -6.59 -17.03 -2.29
C THR C 84 -7.67 -17.98 -1.79
N ASN C 85 -8.23 -17.67 -0.62
CA ASN C 85 -9.49 -18.26 -0.18
C ASN C 85 -10.29 -17.14 0.49
N GLY C 86 -11.44 -17.50 1.08
CA GLY C 86 -12.34 -16.48 1.61
C GLY C 86 -11.82 -15.69 2.80
N SER C 87 -10.81 -16.20 3.49
CA SER C 87 -10.32 -15.56 4.71
C SER C 87 -9.15 -14.63 4.46
N GLY C 88 -8.65 -14.55 3.24
CA GLY C 88 -7.49 -13.75 2.96
C GLY C 88 -6.83 -14.16 1.65
N GLN C 89 -5.72 -13.48 1.36
CA GLN C 89 -5.01 -13.72 0.12
C GLN C 89 -3.52 -13.55 0.38
N ALA C 90 -2.72 -14.46 -0.18
CA ALA C 90 -1.28 -14.45 0.04
C ALA C 90 -0.53 -14.47 -1.28
N THR C 91 0.62 -13.81 -1.27
CA THR C 91 1.46 -13.72 -2.45
C THR C 91 2.91 -13.99 -2.09
N SER C 92 3.56 -14.85 -2.88
CA SER C 92 5.01 -15.00 -2.80
C SER C 92 5.62 -14.57 -4.12
N THR C 93 6.69 -13.79 -4.06
CA THR C 93 7.33 -13.25 -5.25
C THR C 93 8.84 -13.46 -5.20
N ALA C 94 9.38 -13.79 -6.36
CA ALA C 94 10.81 -13.94 -6.53
C ALA C 94 11.18 -13.54 -7.96
N GLU C 95 12.49 -13.40 -8.13
CA GLU C 95 13.13 -12.97 -9.37
C GLU C 95 13.64 -14.18 -10.13
N LEU C 96 13.55 -14.14 -11.44
CA LEU C 96 14.29 -15.08 -12.26
C LEU C 96 15.28 -14.29 -13.09
N LEU C 97 16.56 -14.52 -12.88
CA LEU C 97 17.56 -13.84 -13.67
C LEU C 97 18.28 -14.87 -14.51
N VAL C 98 18.16 -14.73 -15.84
CA VAL C 98 18.71 -15.68 -16.80
C VAL C 98 20.02 -15.09 -17.32
N LYS C 99 21.10 -15.85 -17.16
CA LYS C 99 22.43 -15.46 -17.60
C LYS C 99 22.80 -16.29 -18.84
N ALA C 100 23.66 -15.72 -19.67
CA ALA C 100 23.89 -16.25 -21.01
C ALA C 100 25.12 -17.17 -21.07
N GLU C 101 25.08 -18.09 -22.04
CA GLU C 101 26.22 -18.93 -22.45
C GLU C 101 27.10 -19.43 -21.31
N GLU D 101 -1.51 -45.43 -4.49
CA GLU D 101 -2.97 -45.34 -4.32
C GLU D 101 -3.56 -44.40 -5.37
N THR D 102 -3.13 -43.14 -5.35
CA THR D 102 -3.53 -42.13 -6.33
C THR D 102 -2.32 -41.26 -6.69
N ALA D 103 -2.37 -40.70 -7.89
CA ALA D 103 -1.32 -39.85 -8.42
C ALA D 103 -1.90 -38.60 -9.05
N PRO D 104 -1.31 -37.44 -8.81
CA PRO D 104 -1.79 -36.21 -9.43
C PRO D 104 -1.36 -36.16 -10.89
N PRO D 105 -1.98 -35.31 -11.70
CA PRO D 105 -1.62 -35.26 -13.12
C PRO D 105 -0.18 -34.81 -13.31
N ASN D 106 0.53 -35.52 -14.19
CA ASN D 106 1.91 -35.23 -14.55
C ASN D 106 2.03 -35.22 -16.06
N PHE D 107 2.63 -34.17 -16.62
CA PHE D 107 2.92 -34.12 -18.04
C PHE D 107 4.26 -34.81 -18.28
N VAL D 108 4.20 -36.07 -18.72
CA VAL D 108 5.44 -36.78 -19.02
C VAL D 108 6.06 -36.31 -20.32
N GLN D 109 5.22 -35.93 -21.28
CA GLN D 109 5.67 -35.20 -22.46
C GLN D 109 4.81 -33.94 -22.52
N ARG D 110 5.46 -32.80 -22.47
CA ARG D 110 4.79 -31.52 -22.41
C ARG D 110 4.38 -31.07 -23.81
N LEU D 111 3.38 -30.19 -23.85
CA LEU D 111 3.01 -29.53 -25.09
C LEU D 111 4.22 -28.89 -25.75
N GLN D 112 4.27 -28.98 -27.08
CA GLN D 112 5.45 -28.59 -27.85
C GLN D 112 5.09 -27.50 -28.83
N SER D 113 5.89 -26.43 -28.86
CA SER D 113 5.60 -25.28 -29.69
C SER D 113 5.99 -25.54 -31.14
N MET D 114 5.19 -25.03 -32.06
CA MET D 114 5.32 -25.38 -33.47
C MET D 114 5.11 -24.18 -34.36
N THR D 115 5.88 -24.14 -35.43
CA THR D 115 5.71 -23.19 -36.52
C THR D 115 5.47 -23.97 -37.79
N VAL D 116 4.34 -23.73 -38.44
CA VAL D 116 3.92 -24.45 -39.63
C VAL D 116 3.53 -23.44 -40.70
N ARG D 117 3.49 -23.90 -41.95
CA ARG D 117 2.98 -23.03 -43.00
C ARG D 117 1.49 -23.26 -43.17
N GLN D 118 0.82 -22.29 -43.78
CA GLN D 118 -0.63 -22.33 -43.95
C GLN D 118 -1.03 -23.57 -44.72
N GLY D 119 -2.06 -24.27 -44.24
CA GLY D 119 -2.49 -25.50 -44.88
C GLY D 119 -1.86 -26.76 -44.34
N SER D 120 -0.78 -26.64 -43.55
CA SER D 120 -0.16 -27.78 -42.90
C SER D 120 -1.14 -28.50 -42.01
N GLN D 121 -0.92 -29.79 -41.85
CA GLN D 121 -1.54 -30.55 -40.78
C GLN D 121 -0.66 -30.39 -39.54
N VAL D 122 -1.29 -30.17 -38.40
CA VAL D 122 -0.58 -29.91 -37.16
C VAL D 122 -1.08 -30.88 -36.11
N ARG D 123 -0.15 -31.53 -35.40
CA ARG D 123 -0.49 -32.46 -34.33
C ARG D 123 0.09 -31.93 -33.04
N LEU D 124 -0.77 -31.61 -32.07
CA LEU D 124 -0.36 -31.13 -30.76
C LEU D 124 -0.63 -32.24 -29.74
N GLN D 125 0.44 -32.83 -29.20
CA GLN D 125 0.32 -33.97 -28.31
C GLN D 125 1.01 -33.70 -26.98
N VAL D 126 0.40 -34.21 -25.91
CA VAL D 126 1.00 -34.34 -24.59
C VAL D 126 0.76 -35.76 -24.11
N ARG D 127 1.59 -36.19 -23.17
CA ARG D 127 1.39 -37.46 -22.45
C ARG D 127 1.23 -37.14 -20.97
N VAL D 128 0.12 -37.58 -20.37
CA VAL D 128 -0.22 -37.24 -18.97
C VAL D 128 -0.60 -38.51 -18.20
N THR D 129 -0.02 -38.66 -17.01
CA THR D 129 -0.38 -39.70 -16.06
C THR D 129 -1.21 -39.11 -14.93
N GLY D 130 -1.84 -40.00 -14.17
CA GLY D 130 -2.63 -39.58 -13.02
C GLY D 130 -3.60 -40.67 -12.63
N ILE D 131 -3.81 -40.82 -11.32
CA ILE D 131 -4.76 -41.79 -10.77
C ILE D 131 -5.62 -41.03 -9.76
N PRO D 132 -6.94 -40.89 -9.98
CA PRO D 132 -7.66 -41.41 -11.14
C PRO D 132 -7.21 -40.74 -12.44
N THR D 133 -7.48 -41.39 -13.57
CA THR D 133 -7.02 -40.86 -14.84
C THR D 133 -7.57 -39.45 -15.00
N PRO D 134 -6.73 -38.48 -15.33
CA PRO D 134 -7.20 -37.09 -15.36
C PRO D 134 -8.12 -36.85 -16.55
N VAL D 135 -8.97 -35.84 -16.40
CA VAL D 135 -9.75 -35.32 -17.52
C VAL D 135 -8.91 -34.20 -18.17
N VAL D 136 -8.70 -34.33 -19.48
CA VAL D 136 -7.75 -33.53 -20.23
C VAL D 136 -8.49 -32.65 -21.23
N LYS D 137 -8.24 -31.34 -21.19
CA LYS D 137 -8.89 -30.39 -22.09
C LYS D 137 -7.86 -29.49 -22.77
N PHE D 138 -8.10 -29.20 -24.06
CA PHE D 138 -7.23 -28.35 -24.88
C PHE D 138 -7.78 -26.94 -25.01
N TYR D 139 -6.88 -25.97 -25.07
CA TYR D 139 -7.28 -24.59 -25.16
C TYR D 139 -6.40 -23.86 -26.18
N ARG D 140 -7.00 -22.89 -26.84
CA ARG D 140 -6.26 -21.92 -27.64
C ARG D 140 -6.60 -20.54 -27.12
N ASP D 141 -5.56 -19.82 -26.67
CA ASP D 141 -5.74 -18.49 -26.09
C ASP D 141 -6.81 -18.50 -25.03
N GLY D 142 -6.82 -19.56 -24.22
CA GLY D 142 -7.68 -19.62 -23.08
C GLY D 142 -9.10 -20.10 -23.32
N ALA D 143 -9.47 -20.43 -24.54
CA ALA D 143 -10.80 -20.97 -24.82
C ALA D 143 -10.71 -22.46 -25.08
N GLU D 144 -11.62 -23.23 -24.47
CA GLU D 144 -11.60 -24.68 -24.65
C GLU D 144 -11.92 -25.03 -26.11
N ILE D 145 -11.12 -25.94 -26.68
CA ILE D 145 -11.29 -26.37 -28.06
C ILE D 145 -12.26 -27.56 -28.06
N GLN D 146 -13.42 -27.38 -28.67
CA GLN D 146 -14.34 -28.50 -28.84
C GLN D 146 -13.89 -29.38 -30.01
N SER D 147 -13.78 -30.68 -29.76
CA SER D 147 -13.33 -31.62 -30.78
C SER D 147 -14.28 -31.68 -31.98
N SER D 148 -13.71 -31.45 -33.17
CA SER D 148 -14.45 -31.52 -34.41
C SER D 148 -13.58 -32.19 -35.46
N LEU D 149 -14.10 -32.29 -36.68
CA LEU D 149 -13.36 -33.00 -37.70
C LEU D 149 -12.08 -32.26 -38.07
N ASP D 150 -12.09 -30.92 -38.05
CA ASP D 150 -10.91 -30.13 -38.38
C ASP D 150 -10.01 -29.89 -37.18
N PHE D 151 -10.55 -29.91 -35.97
CA PHE D 151 -9.78 -29.85 -34.73
C PHE D 151 -10.19 -31.08 -33.95
N GLN D 152 -9.36 -32.11 -33.96
CA GLN D 152 -9.77 -33.40 -33.44
C GLN D 152 -8.87 -33.80 -32.29
N ILE D 153 -9.42 -33.81 -31.08
CA ILE D 153 -8.69 -34.30 -29.92
C ILE D 153 -9.04 -35.76 -29.77
N SER D 154 -8.02 -36.59 -29.56
CA SER D 154 -8.17 -38.03 -29.46
C SER D 154 -7.19 -38.52 -28.42
N GLN D 155 -7.51 -39.65 -27.80
CA GLN D 155 -6.68 -40.18 -26.72
C GLN D 155 -6.32 -41.61 -27.08
N GLU D 156 -5.04 -41.94 -26.94
CA GLU D 156 -4.52 -43.28 -27.18
C GLU D 156 -3.57 -43.61 -26.03
N GLY D 157 -4.01 -44.44 -25.10
CA GLY D 157 -3.24 -44.63 -23.88
C GLY D 157 -3.17 -43.32 -23.08
N ASP D 158 -1.96 -42.96 -22.63
CA ASP D 158 -1.77 -41.70 -21.93
C ASP D 158 -1.38 -40.58 -22.90
N LEU D 159 -1.47 -40.82 -24.21
CA LEU D 159 -1.13 -39.82 -25.21
C LEU D 159 -2.42 -39.15 -25.66
N TYR D 160 -2.49 -37.83 -25.48
CA TYR D 160 -3.64 -37.00 -25.84
C TYR D 160 -3.19 -36.08 -26.97
N SER D 161 -3.93 -36.10 -28.08
CA SER D 161 -3.48 -35.46 -29.29
C SER D 161 -4.57 -34.52 -29.82
N LEU D 162 -4.19 -33.29 -30.12
CA LEU D 162 -5.01 -32.40 -30.94
C LEU D 162 -4.43 -32.35 -32.35
N LEU D 163 -5.25 -32.65 -33.34
CA LEU D 163 -4.80 -32.72 -34.73
C LEU D 163 -5.55 -31.66 -35.52
N ILE D 164 -4.83 -30.63 -35.96
CA ILE D 164 -5.41 -29.55 -36.77
C ILE D 164 -5.35 -29.97 -38.23
N ALA D 165 -6.53 -30.17 -38.84
CA ALA D 165 -6.60 -30.77 -40.16
C ALA D 165 -5.96 -29.87 -41.22
N GLU D 166 -6.26 -28.59 -41.18
CA GLU D 166 -5.65 -27.63 -42.10
C GLU D 166 -5.41 -26.34 -41.33
N ALA D 167 -4.15 -25.98 -41.16
CA ALA D 167 -3.82 -24.88 -40.27
C ALA D 167 -3.97 -23.55 -40.99
N TYR D 168 -4.57 -22.59 -40.32
CA TYR D 168 -4.70 -21.25 -40.85
C TYR D 168 -4.04 -20.27 -39.88
N PRO D 169 -3.60 -19.11 -40.38
CA PRO D 169 -2.96 -18.14 -39.47
C PRO D 169 -3.81 -17.79 -38.27
N GLU D 170 -5.14 -17.70 -38.44
CA GLU D 170 -6.01 -17.43 -37.30
C GLU D 170 -5.86 -18.47 -36.21
N ASP D 171 -5.30 -19.63 -36.52
CA ASP D 171 -5.14 -20.64 -35.50
C ASP D 171 -3.91 -20.39 -34.63
N SER D 172 -3.07 -19.42 -34.99
CA SER D 172 -1.88 -19.12 -34.21
C SER D 172 -2.25 -18.62 -32.81
N GLY D 173 -1.42 -18.95 -31.85
CA GLY D 173 -1.61 -18.43 -30.51
C GLY D 173 -0.98 -19.35 -29.48
N THR D 174 -1.30 -19.05 -28.22
CA THR D 174 -0.83 -19.84 -27.10
C THR D 174 -1.83 -20.96 -26.80
N TYR D 175 -1.44 -22.18 -27.15
CA TYR D 175 -2.23 -23.36 -26.84
C TYR D 175 -1.82 -23.91 -25.48
N SER D 176 -2.78 -24.55 -24.81
CA SER D 176 -2.54 -25.10 -23.48
C SER D 176 -3.36 -26.37 -23.30
N VAL D 177 -2.92 -27.20 -22.36
CA VAL D 177 -3.63 -28.41 -21.95
C VAL D 177 -3.80 -28.38 -20.43
N ASN D 178 -5.03 -28.64 -19.95
CA ASN D 178 -5.34 -28.79 -18.52
C ASN D 178 -5.63 -30.25 -18.20
N ALA D 179 -4.94 -30.80 -17.20
CA ALA D 179 -5.25 -32.13 -16.70
C ALA D 179 -5.64 -32.02 -15.24
N THR D 180 -6.84 -32.46 -14.91
CA THR D 180 -7.31 -32.39 -13.54
C THR D 180 -7.85 -33.76 -13.14
N ASN D 181 -7.51 -34.20 -11.94
CA ASN D 181 -8.23 -35.33 -11.36
C ASN D 181 -8.61 -34.99 -9.93
N SER D 182 -9.03 -36.00 -9.17
CA SER D 182 -9.51 -35.76 -7.82
C SER D 182 -8.40 -35.32 -6.86
N VAL D 183 -7.14 -35.42 -7.26
CA VAL D 183 -6.04 -35.19 -6.33
C VAL D 183 -5.04 -34.14 -6.82
N GLY D 184 -5.19 -33.64 -8.05
CA GLY D 184 -4.23 -32.65 -8.49
C GLY D 184 -4.56 -31.99 -9.81
N ARG D 185 -3.68 -31.08 -10.22
CA ARG D 185 -3.90 -30.23 -11.39
C ARG D 185 -2.57 -29.97 -12.11
N ALA D 186 -2.65 -29.80 -13.43
CA ALA D 186 -1.44 -29.53 -14.20
C ALA D 186 -1.79 -28.86 -15.51
N THR D 187 -0.93 -27.95 -15.95
CA THR D 187 -1.14 -27.18 -17.16
C THR D 187 0.16 -27.09 -17.93
N SER D 188 0.10 -27.34 -19.25
CA SER D 188 1.22 -27.16 -20.17
C SER D 188 0.82 -26.20 -21.28
N THR D 189 1.66 -25.21 -21.57
CA THR D 189 1.37 -24.27 -22.65
C THR D 189 2.48 -24.29 -23.69
N ALA D 190 2.10 -23.85 -24.89
CA ALA D 190 2.99 -23.83 -26.04
C ALA D 190 2.40 -22.87 -27.07
N GLU D 191 3.26 -22.41 -27.98
CA GLU D 191 2.86 -21.49 -29.03
C GLU D 191 2.74 -22.21 -30.38
N LEU D 192 1.68 -21.89 -31.12
CA LEU D 192 1.52 -22.35 -32.48
C LEU D 192 1.56 -21.15 -33.41
N LEU D 193 2.45 -21.17 -34.38
CA LEU D 193 2.54 -20.12 -35.39
C LEU D 193 2.31 -20.70 -36.76
N VAL D 194 1.43 -20.04 -37.52
CA VAL D 194 1.08 -20.42 -38.88
C VAL D 194 1.45 -19.22 -39.74
N GLN D 195 2.30 -19.43 -40.74
CA GLN D 195 2.84 -18.32 -41.52
C GLN D 195 1.83 -17.82 -42.54
N GLY D 196 1.59 -16.50 -42.52
CA GLY D 196 0.39 -15.88 -43.05
C GLY D 196 0.35 -15.43 -44.50
N GLU D 197 -0.26 -14.27 -44.79
CA GLU D 197 -0.84 -13.35 -43.77
C GLU D 197 -2.14 -13.85 -43.13
N MET E 3 4.52 43.73 -80.75
CA MET E 3 5.28 42.53 -81.08
C MET E 3 4.60 41.72 -82.19
N ALA E 4 5.21 40.58 -82.52
CA ALA E 4 4.56 39.56 -83.33
C ALA E 4 3.92 38.54 -82.40
N THR E 5 2.90 37.87 -82.90
CA THR E 5 2.10 37.02 -82.01
C THR E 5 2.97 35.93 -81.44
N GLN E 6 2.71 35.58 -80.17
CA GLN E 6 3.36 34.37 -79.71
C GLN E 6 2.75 33.79 -78.44
N ALA E 7 2.51 32.47 -78.52
CA ALA E 7 1.86 31.68 -77.50
C ALA E 7 2.53 31.76 -76.14
N PRO E 8 1.75 31.51 -75.09
CA PRO E 8 2.24 31.69 -73.72
C PRO E 8 3.31 30.69 -73.31
N THR E 9 4.20 31.15 -72.44
CA THR E 9 5.26 30.33 -71.87
C THR E 9 5.54 30.83 -70.47
N PHE E 10 5.94 29.92 -69.59
CA PHE E 10 6.27 30.26 -68.21
C PHE E 10 7.78 30.46 -68.12
N THR E 11 8.21 31.70 -67.96
CA THR E 11 9.63 31.95 -67.70
C THR E 11 9.99 31.58 -66.28
N GLN E 12 9.04 31.68 -65.36
CA GLN E 12 9.21 31.17 -64.01
C GLN E 12 7.94 30.39 -63.72
N PRO E 13 8.03 29.08 -63.52
CA PRO E 13 6.85 28.26 -63.26
C PRO E 13 6.55 28.18 -61.76
N LEU E 14 5.39 27.58 -61.47
CA LEU E 14 5.01 27.31 -60.08
C LEU E 14 5.98 26.31 -59.44
N GLN E 15 6.21 26.51 -58.14
CA GLN E 15 7.02 25.60 -57.32
C GLN E 15 6.13 25.05 -56.21
N SER E 16 6.19 23.74 -56.01
CA SER E 16 5.46 23.12 -54.92
C SER E 16 6.02 23.61 -53.59
N VAL E 17 5.16 23.67 -52.59
CA VAL E 17 5.56 24.24 -51.32
C VAL E 17 4.94 23.41 -50.19
N VAL E 18 5.70 23.22 -49.11
CA VAL E 18 5.17 22.65 -47.89
C VAL E 18 5.03 23.77 -46.87
N VAL E 19 3.82 23.94 -46.36
CA VAL E 19 3.47 25.08 -45.54
C VAL E 19 2.93 24.55 -44.23
N LEU E 20 3.33 25.19 -43.14
CA LEU E 20 2.88 24.79 -41.82
C LEU E 20 1.44 25.28 -41.62
N GLU E 21 0.64 24.47 -40.93
CA GLU E 21 -0.72 24.86 -40.61
C GLU E 21 -0.70 26.23 -39.93
N GLY E 22 -1.62 27.08 -40.38
CA GLY E 22 -1.74 28.41 -39.85
C GLY E 22 -0.97 29.48 -40.60
N SER E 23 0.11 29.11 -41.30
CA SER E 23 0.98 30.00 -42.08
C SER E 23 0.36 30.32 -43.45
N THR E 24 1.08 31.12 -44.26
CA THR E 24 0.60 31.57 -45.57
C THR E 24 1.33 30.83 -46.70
N ALA E 25 0.56 30.16 -47.54
CA ALA E 25 1.09 29.56 -48.76
C ALA E 25 1.05 30.62 -49.87
N THR E 26 2.10 30.66 -50.69
CA THR E 26 2.10 31.58 -51.84
C THR E 26 2.64 30.87 -53.07
N PHE E 27 2.02 31.12 -54.22
CA PHE E 27 2.51 30.66 -55.51
C PHE E 27 2.68 31.84 -56.47
N GLU E 28 3.78 31.82 -57.24
CA GLU E 28 4.05 32.75 -58.34
C GLU E 28 4.52 32.06 -59.60
N ALA E 29 4.12 32.68 -60.71
CA ALA E 29 4.61 32.36 -62.04
C ALA E 29 4.90 33.68 -62.76
N HIS E 30 5.84 33.61 -63.68
CA HIS E 30 6.12 34.65 -64.64
C HIS E 30 5.73 34.09 -65.99
N ILE E 31 4.91 34.82 -66.74
CA ILE E 31 4.38 34.38 -68.02
C ILE E 31 4.81 35.34 -69.13
N SER E 32 5.04 34.79 -70.32
CA SER E 32 5.30 35.58 -71.53
C SER E 32 4.29 35.20 -72.62
N GLY E 33 4.12 36.11 -73.55
CA GLY E 33 3.19 35.91 -74.64
C GLY E 33 2.66 37.20 -75.20
N PHE E 34 2.25 37.15 -76.48
CA PHE E 34 1.55 38.25 -77.13
C PHE E 34 0.45 37.67 -78.02
N PRO E 35 -0.79 38.19 -77.92
CA PRO E 35 -1.21 39.22 -76.97
C PRO E 35 -1.03 38.71 -75.54
N VAL E 36 -0.98 39.63 -74.58
CA VAL E 36 -0.65 39.21 -73.21
C VAL E 36 -1.66 38.16 -72.75
N PRO E 37 -1.20 37.00 -72.29
CA PRO E 37 -2.12 35.89 -72.01
C PRO E 37 -3.08 36.15 -70.87
N GLU E 38 -4.18 35.45 -70.99
CA GLU E 38 -5.34 35.45 -70.12
C GLU E 38 -5.01 34.34 -69.12
N VAL E 39 -4.97 34.61 -67.81
CA VAL E 39 -4.51 33.54 -66.91
C VAL E 39 -5.55 33.23 -65.85
N SER E 40 -5.67 31.93 -65.54
CA SER E 40 -6.66 31.39 -64.60
C SER E 40 -6.04 30.36 -63.66
N TRP E 41 -6.41 30.44 -62.39
CA TRP E 41 -5.91 29.50 -61.38
C TRP E 41 -6.95 28.42 -61.13
N PHE E 42 -6.46 27.22 -60.86
CA PHE E 42 -7.31 26.08 -60.60
C PHE E 42 -6.75 25.28 -59.45
N ARG E 43 -7.66 24.75 -58.62
CA ARG E 43 -7.31 23.73 -57.65
C ARG E 43 -7.86 22.40 -58.14
N ASP E 44 -7.06 21.35 -57.97
CA ASP E 44 -7.48 20.00 -58.26
C ASP E 44 -8.04 19.91 -59.67
N GLY E 45 -7.32 20.56 -60.58
CA GLY E 45 -7.61 20.45 -61.99
C GLY E 45 -8.67 21.40 -62.50
N GLN E 46 -9.89 21.22 -62.01
CA GLN E 46 -11.04 21.82 -62.66
C GLN E 46 -11.76 22.88 -61.82
N VAL E 47 -11.35 23.13 -60.59
CA VAL E 47 -12.06 24.06 -59.71
C VAL E 47 -11.41 25.45 -59.80
N LYS E 48 -12.15 26.42 -60.34
CA LYS E 48 -11.67 27.80 -60.44
C LYS E 48 -11.43 28.40 -59.07
N LEU E 49 -10.20 28.84 -58.81
CA LEU E 49 -9.83 29.25 -57.46
C LEU E 49 -10.68 30.41 -56.94
N GLU E 50 -11.14 31.30 -57.81
CA GLU E 50 -11.97 32.40 -57.35
C GLU E 50 -13.34 31.93 -56.85
N ARG E 51 -13.63 30.62 -56.99
CA ARG E 51 -14.88 30.06 -56.47
C ARG E 51 -14.74 29.48 -55.06
N LEU E 52 -13.50 29.37 -54.53
CA LEU E 52 -13.13 28.86 -53.21
C LEU E 52 -12.80 30.00 -52.25
N PRO E 53 -13.15 29.89 -50.98
CA PRO E 53 -12.92 30.99 -50.04
C PRO E 53 -11.50 31.04 -49.52
N GLY E 54 -11.07 32.26 -49.21
CA GLY E 54 -9.81 32.47 -48.51
C GLY E 54 -8.57 32.50 -49.37
N VAL E 55 -8.71 32.84 -50.64
CA VAL E 55 -7.57 32.96 -51.53
C VAL E 55 -7.43 34.42 -51.96
N GLN E 56 -6.22 34.79 -52.35
CA GLN E 56 -5.94 36.10 -52.92
C GLN E 56 -5.22 35.87 -54.25
N ILE E 57 -5.77 36.42 -55.31
CA ILE E 57 -5.28 36.26 -56.66
C ILE E 57 -4.93 37.64 -57.21
N SER E 58 -3.74 37.78 -57.80
CA SER E 58 -3.38 39.01 -58.49
C SER E 58 -2.68 38.67 -59.80
N PHE E 59 -2.72 39.63 -60.73
CA PHE E 59 -2.03 39.47 -62.01
C PHE E 59 -1.69 40.81 -62.61
N SER E 60 -0.43 41.00 -63.00
CA SER E 60 -0.09 42.17 -63.79
C SER E 60 1.25 41.96 -64.45
N ASP E 61 1.31 42.34 -65.73
CA ASP E 61 2.54 42.33 -66.54
C ASP E 61 3.25 41.00 -66.43
N GLY E 62 2.48 39.94 -66.65
CA GLY E 62 2.97 38.58 -66.67
C GLY E 62 3.38 38.00 -65.34
N ARG E 63 3.06 38.66 -64.22
CA ARG E 63 3.33 38.13 -62.90
C ARG E 63 2.00 37.70 -62.29
N ALA E 64 1.86 36.42 -62.02
CA ALA E 64 0.66 35.85 -61.41
C ALA E 64 1.00 35.37 -60.01
N LYS E 65 0.25 35.82 -59.02
CA LYS E 65 0.53 35.49 -57.62
C LYS E 65 -0.75 34.99 -56.97
N LEU E 66 -0.64 33.84 -56.29
CA LEU E 66 -1.72 33.30 -55.48
C LEU E 66 -1.23 33.15 -54.04
N THR E 67 -1.95 33.74 -53.08
CA THR E 67 -1.61 33.54 -51.68
C THR E 67 -2.83 33.00 -50.93
N ILE E 68 -2.58 32.01 -50.10
CA ILE E 68 -3.59 31.43 -49.22
C ILE E 68 -3.13 31.64 -47.80
N PRO E 69 -3.66 32.63 -47.12
CA PRO E 69 -3.32 32.85 -45.72
C PRO E 69 -4.04 31.84 -44.82
N ALA E 70 -3.48 31.67 -43.62
CA ALA E 70 -4.09 30.87 -42.55
C ALA E 70 -4.40 29.47 -43.05
N VAL E 71 -3.40 28.90 -43.72
CA VAL E 71 -3.61 27.66 -44.45
C VAL E 71 -4.03 26.52 -43.51
N THR E 72 -4.93 25.66 -43.99
CA THR E 72 -5.31 24.43 -43.31
C THR E 72 -5.19 23.27 -44.28
N LYS E 73 -5.41 22.05 -43.74
CA LYS E 73 -5.22 20.86 -44.55
C LYS E 73 -6.18 20.82 -45.74
N ALA E 74 -7.33 21.49 -45.65
CA ALA E 74 -8.25 21.50 -46.77
C ALA E 74 -7.71 22.25 -47.96
N ASN E 75 -6.70 23.11 -47.74
CA ASN E 75 -6.03 23.83 -48.81
C ASN E 75 -4.96 22.98 -49.48
N SER E 76 -4.61 21.83 -48.91
CA SER E 76 -3.71 20.95 -49.60
C SER E 76 -4.34 20.54 -50.92
N GLY E 77 -3.52 20.42 -51.95
CA GLY E 77 -4.02 20.00 -53.24
C GLY E 77 -3.09 20.40 -54.37
N ARG E 78 -3.57 20.13 -55.57
CA ARG E 78 -2.88 20.44 -56.80
C ARG E 78 -3.33 21.82 -57.25
N TYR E 79 -2.37 22.72 -57.45
CA TYR E 79 -2.68 24.05 -57.91
C TYR E 79 -2.04 24.27 -59.29
N SER E 80 -2.83 24.75 -60.23
CA SER E 80 -2.32 24.97 -61.58
C SER E 80 -2.72 26.36 -62.06
N LEU E 81 -1.85 26.92 -62.89
CA LEU E 81 -2.05 28.19 -63.56
C LEU E 81 -2.07 27.91 -65.06
N LYS E 82 -3.13 28.34 -65.73
CA LYS E 82 -3.31 28.14 -67.16
C LYS E 82 -3.25 29.51 -67.85
N ALA E 83 -2.32 29.66 -68.79
CA ALA E 83 -2.16 30.90 -69.56
C ALA E 83 -2.49 30.62 -71.01
N THR E 84 -3.37 31.45 -71.59
CA THR E 84 -3.88 31.20 -72.92
C THR E 84 -3.96 32.52 -73.69
N ASN E 85 -3.56 32.49 -74.96
CA ASN E 85 -3.89 33.57 -75.87
C ASN E 85 -4.27 32.91 -77.20
N GLY E 86 -4.46 33.72 -78.24
CA GLY E 86 -4.95 33.17 -79.49
C GLY E 86 -4.01 32.19 -80.17
N SER E 87 -2.74 32.16 -79.76
CA SER E 87 -1.74 31.33 -80.42
C SER E 87 -1.47 30.01 -79.69
N GLY E 88 -2.05 29.80 -78.52
CA GLY E 88 -1.75 28.60 -77.76
C GLY E 88 -2.09 28.74 -76.30
N GLN E 89 -1.75 27.70 -75.56
CA GLN E 89 -2.05 27.62 -74.14
C GLN E 89 -0.94 26.88 -73.41
N ALA E 90 -0.59 27.38 -72.22
CA ALA E 90 0.42 26.76 -71.36
C ALA E 90 -0.13 26.63 -69.94
N THR E 91 0.27 25.57 -69.24
CA THR E 91 -0.17 25.32 -67.87
C THR E 91 1.02 24.97 -66.99
N SER E 92 1.11 25.60 -65.82
CA SER E 92 2.09 25.25 -64.79
C SER E 92 1.40 24.72 -63.55
N THR E 93 1.98 23.68 -62.95
CA THR E 93 1.39 23.00 -61.80
C THR E 93 2.38 22.81 -60.67
N ALA E 94 1.88 22.96 -59.44
CA ALA E 94 2.62 22.70 -58.22
C ALA E 94 1.63 22.22 -57.16
N GLU E 95 2.14 21.56 -56.13
CA GLU E 95 1.30 21.10 -55.03
C GLU E 95 1.48 21.97 -53.80
N LEU E 96 0.40 22.14 -53.05
CA LEU E 96 0.46 22.76 -51.74
C LEU E 96 0.17 21.64 -50.76
N LEU E 97 1.15 21.32 -49.94
CA LEU E 97 0.96 20.30 -48.92
C LEU E 97 1.11 20.99 -47.57
N VAL E 98 0.07 20.92 -46.75
CA VAL E 98 -0.01 21.60 -45.48
C VAL E 98 0.36 20.61 -44.38
N LYS E 99 1.32 20.99 -43.53
CA LYS E 99 1.80 20.15 -42.43
C LYS E 99 1.22 20.67 -41.11
N ALA E 100 0.92 19.76 -40.20
CA ALA E 100 0.21 20.19 -39.01
C ALA E 100 1.14 20.93 -38.05
N GLU E 101 0.56 21.86 -37.30
CA GLU E 101 1.33 22.62 -36.33
C GLU E 101 1.58 21.82 -35.06
N THR E 102 0.64 20.95 -34.68
CA THR E 102 0.79 20.10 -33.51
C THR E 102 1.59 18.85 -33.83
N ALA E 103 2.18 18.28 -32.79
CA ALA E 103 2.94 17.05 -32.94
C ALA E 103 2.53 16.09 -31.82
N PRO E 104 2.25 14.84 -32.15
CA PRO E 104 1.91 13.87 -31.11
C PRO E 104 3.17 13.46 -30.37
N PRO E 105 3.01 12.84 -29.20
CA PRO E 105 4.20 12.45 -28.43
C PRO E 105 5.03 11.44 -29.18
N ASN E 106 6.34 11.67 -29.21
CA ASN E 106 7.29 10.79 -29.89
C ASN E 106 8.45 10.49 -28.95
N PHE E 107 8.76 9.22 -28.79
CA PHE E 107 9.93 8.84 -28.00
C PHE E 107 11.15 8.92 -28.90
N VAL E 108 11.86 10.05 -28.84
CA VAL E 108 13.10 10.13 -29.60
C VAL E 108 14.17 9.31 -28.91
N GLN E 109 14.07 9.15 -27.58
CA GLN E 109 14.85 8.15 -26.85
C GLN E 109 13.87 7.29 -26.04
N ARG E 110 13.84 6.00 -26.35
CA ARG E 110 12.90 5.08 -25.72
C ARG E 110 13.48 4.52 -24.41
N LEU E 111 12.57 4.10 -23.53
CA LEU E 111 12.97 3.33 -22.36
C LEU E 111 13.76 2.12 -22.80
N GLN E 112 14.85 1.84 -22.08
CA GLN E 112 15.76 0.76 -22.44
C GLN E 112 15.90 -0.14 -21.22
N SER E 113 15.78 -1.43 -21.46
CA SER E 113 15.75 -2.39 -20.39
C SER E 113 17.16 -2.63 -19.88
N MET E 114 17.27 -2.88 -18.57
CA MET E 114 18.55 -2.87 -17.89
C MET E 114 18.64 -4.00 -16.87
N THR E 115 19.85 -4.52 -16.71
CA THR E 115 20.17 -5.41 -15.62
C THR E 115 21.25 -4.75 -14.77
N VAL E 116 20.95 -4.53 -13.48
CA VAL E 116 21.83 -3.82 -12.58
C VAL E 116 22.04 -4.70 -11.36
N ARG E 117 23.05 -4.37 -10.61
CA ARG E 117 23.38 -5.14 -9.41
C ARG E 117 22.74 -4.49 -8.20
N GLN E 118 22.53 -5.26 -7.14
CA GLN E 118 21.86 -4.71 -5.97
C GLN E 118 22.68 -3.59 -5.35
N GLY E 119 22.01 -2.48 -5.07
CA GLY E 119 22.66 -1.32 -4.55
C GLY E 119 23.07 -0.30 -5.58
N SER E 120 23.04 -0.67 -6.87
CA SER E 120 23.30 0.29 -7.94
C SER E 120 22.30 1.45 -7.91
N GLN E 121 22.76 2.60 -8.37
CA GLN E 121 21.86 3.68 -8.73
C GLN E 121 21.42 3.45 -10.18
N VAL E 122 20.13 3.59 -10.46
CA VAL E 122 19.59 3.30 -11.78
C VAL E 122 18.83 4.51 -12.29
N ARG E 123 19.15 4.94 -13.51
CA ARG E 123 18.48 6.07 -14.13
C ARG E 123 17.73 5.53 -15.35
N LEU E 124 16.42 5.72 -15.36
CA LEU E 124 15.56 5.34 -16.46
C LEU E 124 15.16 6.61 -17.19
N GLN E 125 15.62 6.77 -18.43
CA GLN E 125 15.45 8.01 -19.18
C GLN E 125 14.67 7.78 -20.47
N VAL E 126 13.80 8.75 -20.78
CA VAL E 126 13.20 8.86 -22.10
C VAL E 126 13.41 10.30 -22.56
N ARG E 127 13.40 10.49 -23.87
CA ARG E 127 13.31 11.82 -24.45
C ARG E 127 12.05 11.87 -25.29
N VAL E 128 11.17 12.80 -24.99
CA VAL E 128 9.84 12.84 -25.54
C VAL E 128 9.58 14.23 -26.09
N THR E 129 9.20 14.30 -27.37
CA THR E 129 8.78 15.53 -28.01
C THR E 129 7.27 15.50 -28.19
N GLY E 130 6.70 16.67 -28.47
CA GLY E 130 5.27 16.78 -28.68
C GLY E 130 4.79 18.22 -28.60
N ILE E 131 3.80 18.54 -29.40
CA ILE E 131 3.19 19.88 -29.39
C ILE E 131 1.69 19.70 -29.38
N PRO E 132 0.98 20.10 -28.32
CA PRO E 132 1.47 20.71 -27.08
C PRO E 132 2.35 19.77 -26.27
N THR E 133 3.08 20.34 -25.34
CA THR E 133 4.02 19.57 -24.54
C THR E 133 3.29 18.42 -23.88
N PRO E 134 3.77 17.19 -24.05
CA PRO E 134 3.04 16.03 -23.50
C PRO E 134 3.15 15.93 -21.99
N VAL E 135 2.19 15.22 -21.44
CA VAL E 135 2.22 14.81 -20.04
C VAL E 135 2.92 13.46 -20.00
N VAL E 136 3.96 13.36 -19.18
CA VAL E 136 4.81 12.18 -19.11
C VAL E 136 4.67 11.54 -17.73
N LYS E 137 4.36 10.24 -17.70
CA LYS E 137 4.21 9.51 -16.45
C LYS E 137 4.98 8.18 -16.51
N PHE E 138 5.60 7.82 -15.37
CA PHE E 138 6.35 6.57 -15.22
C PHE E 138 5.50 5.55 -14.48
N TYR E 139 5.65 4.29 -14.87
CA TYR E 139 4.90 3.19 -14.27
C TYR E 139 5.84 2.02 -14.01
N ARG E 140 5.51 1.24 -12.98
CA ARG E 140 6.13 -0.07 -12.78
C ARG E 140 5.04 -1.11 -12.65
N ASP E 141 5.06 -2.12 -13.53
CA ASP E 141 4.05 -3.17 -13.56
C ASP E 141 2.65 -2.59 -13.55
N GLY E 142 2.46 -1.52 -14.31
CA GLY E 142 1.15 -0.94 -14.52
C GLY E 142 0.67 0.01 -13.45
N ALA E 143 1.47 0.24 -12.42
CA ALA E 143 1.15 1.16 -11.34
C ALA E 143 1.95 2.43 -11.53
N GLU E 144 1.30 3.58 -11.39
CA GLU E 144 2.01 4.84 -11.57
C GLU E 144 2.99 5.07 -10.41
N ILE E 145 4.19 5.49 -10.77
CA ILE E 145 5.26 5.73 -9.80
C ILE E 145 5.13 7.16 -9.30
N GLN E 146 4.85 7.32 -8.00
CA GLN E 146 4.84 8.64 -7.38
C GLN E 146 6.27 9.09 -7.13
N SER E 147 6.62 10.28 -7.63
CA SER E 147 7.97 10.79 -7.44
C SER E 147 8.29 10.99 -5.96
N SER E 148 9.34 10.32 -5.51
CA SER E 148 9.81 10.39 -4.13
C SER E 148 11.33 10.43 -4.14
N LEU E 149 11.91 10.46 -2.93
CA LEU E 149 13.35 10.60 -2.80
C LEU E 149 14.09 9.37 -3.31
N ASP E 150 13.47 8.19 -3.17
CA ASP E 150 14.07 6.97 -3.67
C ASP E 150 13.75 6.74 -5.14
N PHE E 151 12.62 7.27 -5.61
CA PHE E 151 12.22 7.19 -7.01
C PHE E 151 12.05 8.62 -7.51
N GLN E 152 13.17 9.30 -7.74
CA GLN E 152 13.18 10.71 -8.11
C GLN E 152 12.81 10.83 -9.59
N ILE E 153 11.64 11.38 -9.88
CA ILE E 153 11.25 11.66 -11.25
C ILE E 153 11.54 13.13 -11.53
N SER E 154 12.27 13.39 -12.62
CA SER E 154 12.67 14.75 -12.94
C SER E 154 12.66 14.97 -14.43
N GLN E 155 12.58 16.23 -14.81
CA GLN E 155 12.51 16.65 -16.20
C GLN E 155 13.53 17.75 -16.47
N GLU E 156 14.23 17.65 -17.60
CA GLU E 156 15.09 18.73 -18.08
C GLU E 156 14.87 18.83 -19.59
N GLY E 157 14.20 19.89 -20.02
CA GLY E 157 13.82 20.00 -21.41
C GLY E 157 12.88 18.87 -21.74
N ASP E 158 13.17 18.17 -22.85
CA ASP E 158 12.39 17.01 -23.27
C ASP E 158 12.93 15.70 -22.71
N LEU E 159 13.88 15.77 -21.78
CA LEU E 159 14.46 14.57 -21.16
C LEU E 159 13.82 14.30 -19.80
N TYR E 160 13.20 13.13 -19.66
CA TYR E 160 12.48 12.73 -18.46
C TYR E 160 13.19 11.53 -17.84
N SER E 161 13.54 11.64 -16.55
CA SER E 161 14.35 10.64 -15.87
C SER E 161 13.65 10.17 -14.61
N LEU E 162 13.57 8.86 -14.44
CA LEU E 162 13.30 8.25 -13.15
C LEU E 162 14.61 7.74 -12.57
N LEU E 163 14.94 8.20 -11.37
CA LEU E 163 16.22 7.86 -10.75
C LEU E 163 15.94 7.04 -9.50
N ILE E 164 16.28 5.76 -9.55
CA ILE E 164 16.12 4.86 -8.42
C ILE E 164 17.39 4.97 -7.59
N ALA E 165 17.25 5.51 -6.37
CA ALA E 165 18.42 5.91 -5.57
C ALA E 165 19.27 4.69 -5.19
N GLU E 166 18.64 3.62 -4.73
CA GLU E 166 19.34 2.37 -4.50
C GLU E 166 18.44 1.26 -5.02
N ALA E 167 18.91 0.52 -6.01
CA ALA E 167 18.10 -0.50 -6.64
C ALA E 167 18.20 -1.76 -5.81
N TYR E 168 17.05 -2.38 -5.55
CA TYR E 168 16.93 -3.64 -4.85
C TYR E 168 16.19 -4.62 -5.75
N PRO E 169 16.32 -5.92 -5.48
CA PRO E 169 15.58 -6.89 -6.30
C PRO E 169 14.07 -6.61 -6.37
N GLU E 170 13.43 -6.17 -5.27
CA GLU E 170 11.99 -5.85 -5.31
C GLU E 170 11.67 -4.83 -6.39
N ASP E 171 12.66 -4.08 -6.88
CA ASP E 171 12.43 -3.05 -7.89
C ASP E 171 12.37 -3.61 -9.31
N SER E 172 12.67 -4.89 -9.51
CA SER E 172 12.63 -5.50 -10.82
C SER E 172 11.22 -5.51 -11.40
N GLY E 173 11.12 -5.38 -12.71
CA GLY E 173 9.82 -5.51 -13.35
C GLY E 173 9.77 -4.76 -14.66
N THR E 174 8.55 -4.66 -15.19
CA THR E 174 8.28 -3.94 -16.44
C THR E 174 7.99 -2.47 -16.16
N TYR E 175 8.94 -1.61 -16.48
CA TYR E 175 8.70 -0.19 -16.39
C TYR E 175 8.15 0.33 -17.71
N SER E 176 7.33 1.39 -17.62
CA SER E 176 6.78 2.00 -18.81
C SER E 176 6.64 3.51 -18.58
N VAL E 177 6.62 4.23 -19.69
CA VAL E 177 6.37 5.67 -19.74
C VAL E 177 5.21 5.90 -20.69
N ASN E 178 4.22 6.69 -20.27
CA ASN E 178 3.14 7.15 -21.14
C ASN E 178 3.34 8.63 -21.39
N ALA E 179 3.32 9.03 -22.65
CA ALA E 179 3.34 10.43 -23.02
C ALA E 179 2.05 10.72 -23.77
N THR E 180 1.28 11.68 -23.26
CA THR E 180 -0.02 12.03 -23.83
C THR E 180 -0.08 13.52 -24.09
N ASN E 181 -0.53 13.92 -25.28
CA ASN E 181 -0.96 15.31 -25.45
C ASN E 181 -2.29 15.33 -26.18
N SER E 182 -2.74 16.52 -26.62
CA SER E 182 -4.07 16.67 -27.18
C SER E 182 -4.25 16.01 -28.55
N VAL E 183 -3.18 15.54 -29.19
CA VAL E 183 -3.29 14.99 -30.54
C VAL E 183 -2.76 13.56 -30.66
N GLY E 184 -2.18 12.99 -29.61
CA GLY E 184 -1.72 11.61 -29.71
C GLY E 184 -1.25 11.04 -28.39
N ARG E 185 -0.80 9.78 -28.45
CA ARG E 185 -0.32 9.04 -27.30
C ARG E 185 0.86 8.19 -27.70
N ALA E 186 1.72 7.90 -26.72
CA ALA E 186 2.88 7.04 -26.98
C ALA E 186 3.27 6.37 -25.67
N THR E 187 3.72 5.11 -25.77
CA THR E 187 4.09 4.30 -24.62
C THR E 187 5.35 3.52 -24.95
N SER E 188 6.31 3.54 -24.03
CA SER E 188 7.53 2.77 -24.15
C SER E 188 7.65 1.88 -22.92
N THR E 189 7.90 0.59 -23.12
CA THR E 189 8.10 -0.34 -22.01
C THR E 189 9.49 -0.96 -22.06
N ALA E 190 9.95 -1.40 -20.90
CA ALA E 190 11.29 -1.94 -20.71
C ALA E 190 11.31 -2.74 -19.42
N GLU E 191 12.27 -3.66 -19.35
CA GLU E 191 12.42 -4.52 -18.19
C GLU E 191 13.63 -4.09 -17.37
N LEU E 192 13.47 -4.06 -16.06
CA LEU E 192 14.56 -3.79 -15.15
C LEU E 192 14.74 -5.01 -14.25
N LEU E 193 15.96 -5.55 -14.22
CA LEU E 193 16.31 -6.66 -13.33
C LEU E 193 17.43 -6.23 -12.41
N VAL E 194 17.26 -6.52 -11.12
CA VAL E 194 18.22 -6.18 -10.09
C VAL E 194 18.68 -7.48 -9.43
N GLN E 195 19.97 -7.76 -9.50
CA GLN E 195 20.55 -8.98 -8.99
C GLN E 195 20.87 -8.91 -7.48
C ACT F . -24.99 -2.60 9.47
O ACT F . -24.43 -1.58 9.06
OXT ACT F . -24.60 -3.80 9.41
CH3 ACT F . -26.37 -2.38 10.15
C ACT G . -32.77 7.87 32.19
O ACT G . -31.67 7.34 32.58
OXT ACT G . -33.87 7.28 31.94
CH3 ACT G . -32.82 9.44 31.99
C ACT H . -22.00 5.06 41.18
O ACT H . -23.08 5.66 40.95
OXT ACT H . -21.55 4.67 42.30
CH3 ACT H . -21.06 4.74 39.90
C ACT I . -9.06 -10.11 0.28
O ACT I . -8.17 -10.34 -0.61
OXT ACT I . -9.68 -10.94 1.03
CH3 ACT I . -9.44 -8.57 0.51
C ACT J . -39.00 5.72 32.72
O ACT J . -38.37 6.63 33.32
OXT ACT J . -38.70 4.47 32.64
CH3 ACT J . -40.33 6.21 31.97
C ACT K . -37.08 3.49 36.63
O ACT K . -36.69 4.26 35.67
OXT ACT K . -37.37 3.80 37.84
CH3 ACT K . -37.23 1.93 36.28
C ACT L . -6.93 8.32 17.36
O ACT L . -7.12 9.47 17.83
OXT ACT L . -5.91 7.56 17.50
CH3 ACT L . -8.12 7.72 16.48
S SO4 M . 11.09 -9.00 31.14
O1 SO4 M . 12.19 -8.40 31.87
O2 SO4 M . 10.60 -8.10 30.09
O3 SO4 M . 10.02 -9.27 32.10
O4 SO4 M . 11.52 -10.26 30.52
C1 EDO N . 20.79 27.02 58.52
O1 EDO N . 21.27 28.17 59.24
C2 EDO N . 21.65 26.60 57.32
O2 EDO N . 21.24 25.32 56.81
C ACT O . -10.37 -22.55 -32.64
O ACT O . -9.39 -21.88 -33.15
OXT ACT O . -10.77 -23.72 -32.94
CH3 ACT O . -11.18 -21.79 -31.48
P PO4 P . -17.36 16.91 -64.00
O1 PO4 P . -17.11 17.78 -65.20
O2 PO4 P . -16.16 16.95 -63.09
O3 PO4 P . -17.60 15.48 -64.45
O4 PO4 P . -18.58 17.43 -63.26
C ACT Q . -3.55 1.57 -21.53
O ACT Q . -2.31 1.36 -21.75
OXT ACT Q . -4.06 2.26 -20.63
CH3 ACT Q . -4.58 0.88 -22.54
C ACT R . -16.57 12.80 -61.84
O ACT R . -16.85 12.58 -63.07
OXT ACT R . -16.95 12.14 -60.81
CH3 ACT R . -15.63 14.07 -61.59
C ACT S . 0.36 1.54 -18.65
O ACT S . -0.52 2.44 -18.88
OXT ACT S . 0.32 0.58 -17.80
CH3 ACT S . 1.69 1.60 -19.56
#